data_3PYX
#
_entry.id   3PYX
#
_cell.length_a   60.099
_cell.length_b   99.280
_cell.length_c   64.540
_cell.angle_alpha   90.00
_cell.angle_beta   101.02
_cell.angle_gamma   90.00
#
_symmetry.space_group_name_H-M   'P 1 21 1'
#
loop_
_entity.id
_entity.type
_entity.pdbx_description
1 polymer 'Aspartate-semialdehyde dehydrogenase'
2 non-polymer 'NADP NICOTINAMIDE-ADENINE-DINUCLEOTIDE PHOSPHATE'
3 non-polymer 'SODIUM ION'
4 non-polymer 1,2-ETHANEDIOL
5 non-polymer '2-aminobenzene-1,4-dicarboxylic acid'
6 water water
#
_entity_poly.entity_id   1
_entity_poly.type   'polypeptide(L)'
_entity_poly.pdbx_seq_one_letter_code
;MGYTVAVVGATGAVGAQMIKMLEESTLPIDKIRYLASARSAGKSLKFKDQDITIEETTETAFEGVDIALFSAGSSTSAKY
APYAVKAGVVVVDNTSYFRQNPDVPLVVPEVNAHALDAHNGIIACPNCSTIQMMVALEPVRQKWGLDRIIVSTYQAVSGA
GMGAILETQRELREVLNDGVKPCDLHAEILPSGGDKKHYPIAFNALPQIDVFTDNDYTYEEMKMTKETKKIMEDDSIAVS
ATCVRIPVLSAHSESVYIETKEVAPIEEVKAAIAAFPGAVLEDDVAHQIYPQAINAVGSRDTFVGRIRKDLDAEKGIHMW
VVSDNLLKGAAWNSVQIAETLHERGLVRPTAELKFELKLEHHHHHH
;
_entity_poly.pdbx_strand_id   A,B
#
# COMPACT_ATOMS: atom_id res chain seq x y z
N GLY A 2 -6.92 -43.85 -11.24
CA GLY A 2 -7.06 -42.43 -10.78
C GLY A 2 -7.07 -42.30 -9.28
N TYR A 3 -7.23 -41.08 -8.80
CA TYR A 3 -7.17 -40.81 -7.37
C TYR A 3 -8.51 -40.51 -6.76
N THR A 4 -8.62 -40.80 -5.46
CA THR A 4 -9.66 -40.23 -4.63
C THR A 4 -9.05 -38.97 -4.02
N VAL A 5 -9.69 -37.84 -4.28
CA VAL A 5 -9.22 -36.55 -3.76
C VAL A 5 -10.29 -35.96 -2.84
N ALA A 6 -9.87 -35.53 -1.65
CA ALA A 6 -10.73 -34.83 -0.69
C ALA A 6 -10.33 -33.36 -0.57
N VAL A 7 -11.32 -32.48 -0.58
CA VAL A 7 -11.09 -31.04 -0.31
C VAL A 7 -11.67 -30.77 1.08
N VAL A 8 -10.80 -30.47 2.03
CA VAL A 8 -11.18 -30.13 3.42
C VAL A 8 -11.27 -28.61 3.53
N GLY A 9 -12.47 -28.12 3.83
CA GLY A 9 -12.77 -26.68 3.75
C GLY A 9 -13.35 -26.29 2.40
N ALA A 10 -14.14 -27.17 1.81
CA ALA A 10 -14.68 -26.98 0.44
C ALA A 10 -15.55 -25.74 0.27
N THR A 11 -16.12 -25.25 1.38
CA THR A 11 -17.15 -24.22 1.34
C THR A 11 -16.60 -22.79 1.51
N GLY A 12 -15.31 -22.68 1.85
CA GLY A 12 -14.69 -21.36 2.12
C GLY A 12 -14.13 -20.66 0.90
N ALA A 13 -13.43 -19.54 1.12
CA ALA A 13 -12.87 -18.73 0.04
C ALA A 13 -11.85 -19.55 -0.76
N VAL A 14 -10.91 -20.18 -0.04
CA VAL A 14 -9.90 -21.01 -0.70
C VAL A 14 -10.56 -22.27 -1.29
N GLY A 15 -11.43 -22.91 -0.50
CA GLY A 15 -12.13 -24.14 -0.92
C GLY A 15 -12.83 -23.99 -2.26
N ALA A 16 -13.53 -22.87 -2.47
CA ALA A 16 -14.20 -22.60 -3.75
C ALA A 16 -13.19 -22.60 -4.89
N GLN A 17 -12.01 -22.03 -4.65
CA GLN A 17 -11.00 -21.97 -5.70
C GLN A 17 -10.25 -23.29 -5.85
N MET A 18 -10.21 -24.07 -4.77
CA MET A 18 -9.64 -25.40 -4.84
C MET A 18 -10.49 -26.25 -5.80
N ILE A 19 -11.80 -26.13 -5.67
CA ILE A 19 -12.72 -26.81 -6.59
C ILE A 19 -12.47 -26.39 -8.03
N LYS A 20 -12.37 -25.08 -8.29
CA LYS A 20 -12.11 -24.59 -9.63
C LYS A 20 -10.78 -25.09 -10.19
N MET A 21 -9.73 -25.05 -9.36
CA MET A 21 -8.44 -25.51 -9.83
C MET A 21 -8.43 -27.01 -10.08
N LEU A 22 -9.16 -27.78 -9.25
CA LEU A 22 -9.29 -29.23 -9.50
C LEU A 22 -10.09 -29.53 -10.77
N GLU A 23 -11.17 -28.78 -10.98
CA GLU A 23 -11.98 -28.95 -12.19
C GLU A 23 -11.12 -28.72 -13.43
N GLU A 24 -10.15 -27.81 -13.34
CA GLU A 24 -9.30 -27.43 -14.46
C GLU A 24 -7.96 -28.17 -14.49
N SER A 25 -7.78 -29.11 -13.57
CA SER A 25 -6.53 -29.87 -13.41
C SER A 25 -6.44 -31.04 -14.38
N THR A 26 -5.21 -31.46 -14.65
CA THR A 26 -4.97 -32.71 -15.36
C THR A 26 -4.99 -33.93 -14.43
N LEU A 27 -5.01 -33.75 -13.12
CA LEU A 27 -5.00 -34.90 -12.18
C LEU A 27 -6.06 -35.94 -12.54
N PRO A 28 -5.67 -37.22 -12.64
CA PRO A 28 -6.68 -38.24 -12.91
C PRO A 28 -7.51 -38.50 -11.65
N ILE A 29 -8.72 -37.96 -11.60
CA ILE A 29 -9.54 -38.06 -10.39
C ILE A 29 -10.70 -39.03 -10.64
N ASP A 30 -10.71 -40.12 -9.88
CA ASP A 30 -11.79 -41.12 -9.95
C ASP A 30 -12.94 -40.79 -9.02
N LYS A 31 -12.63 -40.17 -7.89
CA LYS A 31 -13.64 -39.82 -6.90
C LYS A 31 -13.26 -38.51 -6.23
N ILE A 32 -14.22 -37.61 -6.14
CA ILE A 32 -14.01 -36.33 -5.47
C ILE A 32 -14.92 -36.29 -4.23
N ARG A 33 -14.36 -35.86 -3.10
CA ARG A 33 -15.10 -35.72 -1.86
C ARG A 33 -14.91 -34.33 -1.29
N TYR A 34 -15.98 -33.76 -0.75
CA TYR A 34 -15.96 -32.42 -0.20
C TYR A 34 -16.23 -32.53 1.28
N LEU A 35 -15.33 -31.99 2.09
CA LEU A 35 -15.43 -32.05 3.54
C LEU A 35 -15.40 -30.64 4.13
N ALA A 36 -16.22 -30.43 5.17
CA ALA A 36 -16.24 -29.17 5.90
C ALA A 36 -16.68 -29.45 7.34
N SER A 37 -17.31 -28.47 7.99
CA SER A 37 -17.76 -28.67 9.37
C SER A 37 -19.16 -29.29 9.40
N ALA A 38 -19.58 -29.71 10.59
CA ALA A 38 -20.89 -30.34 10.80
C ALA A 38 -22.06 -29.52 10.22
N ARG A 39 -21.97 -28.19 10.29
CA ARG A 39 -23.04 -27.31 9.80
C ARG A 39 -23.16 -27.29 8.27
N SER A 40 -22.15 -27.80 7.57
CA SER A 40 -22.20 -27.88 6.11
C SER A 40 -22.58 -29.27 5.62
N ALA A 41 -22.42 -30.28 6.47
CA ALA A 41 -22.70 -31.67 6.09
C ALA A 41 -24.11 -31.80 5.53
N GLY A 42 -24.24 -32.50 4.40
CA GLY A 42 -25.55 -32.72 3.79
C GLY A 42 -25.90 -31.75 2.67
N LYS A 43 -25.25 -30.59 2.66
CA LYS A 43 -25.39 -29.65 1.56
C LYS A 43 -24.73 -30.23 0.30
N SER A 44 -25.19 -29.79 -0.85
CA SER A 44 -24.67 -30.24 -2.15
C SER A 44 -23.87 -29.12 -2.80
N LEU A 45 -22.80 -29.53 -3.47
CA LEU A 45 -21.87 -28.61 -4.12
C LEU A 45 -21.42 -29.28 -5.41
N LYS A 46 -21.27 -28.51 -6.48
CA LYS A 46 -20.89 -29.07 -7.78
C LYS A 46 -19.41 -29.42 -7.89
N PHE A 47 -19.13 -30.53 -8.58
CA PHE A 47 -17.83 -30.75 -9.23
C PHE A 47 -18.11 -30.95 -10.71
N LYS A 48 -17.73 -29.96 -11.51
CA LYS A 48 -18.14 -29.85 -12.91
C LYS A 48 -19.66 -29.92 -12.95
N ASP A 49 -20.22 -30.98 -13.54
CA ASP A 49 -21.68 -31.15 -13.54
C ASP A 49 -22.24 -32.09 -12.48
N GLN A 50 -21.37 -32.81 -11.77
CA GLN A 50 -21.80 -33.75 -10.74
C GLN A 50 -22.15 -33.05 -9.43
N ASP A 51 -23.11 -33.63 -8.72
CA ASP A 51 -23.51 -33.10 -7.41
C ASP A 51 -22.79 -33.88 -6.33
N ILE A 52 -22.05 -33.15 -5.51
CA ILE A 52 -21.25 -33.73 -4.44
C ILE A 52 -21.81 -33.29 -3.09
N THR A 53 -22.14 -34.28 -2.25
CA THR A 53 -22.66 -34.02 -0.91
C THR A 53 -21.51 -33.81 0.07
N ILE A 54 -21.53 -32.64 0.71
CA ILE A 54 -20.50 -32.27 1.68
C ILE A 54 -20.58 -33.16 2.91
N GLU A 55 -19.41 -33.61 3.37
CA GLU A 55 -19.32 -34.49 4.55
C GLU A 55 -18.68 -33.75 5.71
N GLU A 56 -19.01 -34.15 6.94
CA GLU A 56 -18.34 -33.60 8.12
C GLU A 56 -16.91 -34.16 8.23
N THR A 57 -15.97 -33.28 8.56
CA THR A 57 -14.58 -33.72 8.75
C THR A 57 -14.44 -34.39 10.12
N THR A 58 -13.98 -35.64 10.11
CA THR A 58 -13.71 -36.38 11.34
C THR A 58 -12.43 -37.21 11.18
N GLU A 59 -11.99 -37.80 12.30
CA GLU A 59 -10.78 -38.62 12.36
C GLU A 59 -10.90 -39.89 11.53
N THR A 60 -12.13 -40.27 11.20
CA THR A 60 -12.39 -41.50 10.47
C THR A 60 -12.80 -41.26 9.02
N ALA A 61 -12.73 -40.01 8.57
CA ALA A 61 -13.28 -39.62 7.27
C ALA A 61 -12.35 -39.85 6.08
N PHE A 62 -11.11 -40.29 6.34
CA PHE A 62 -10.05 -40.28 5.32
C PHE A 62 -9.68 -41.64 4.71
N GLU A 63 -10.46 -42.66 5.06
CA GLU A 63 -10.21 -43.99 4.52
C GLU A 63 -10.40 -43.99 3.01
N GLY A 64 -9.37 -44.48 2.32
CA GLY A 64 -9.43 -44.66 0.88
C GLY A 64 -9.08 -43.41 0.10
N VAL A 65 -8.71 -42.34 0.82
CA VAL A 65 -8.34 -41.08 0.18
C VAL A 65 -6.87 -41.13 -0.23
N ASP A 66 -6.57 -40.69 -1.45
CA ASP A 66 -5.20 -40.63 -1.94
C ASP A 66 -4.53 -39.28 -1.64
N ILE A 67 -5.27 -38.21 -1.91
CA ILE A 67 -4.77 -36.84 -1.73
C ILE A 67 -5.84 -36.04 -1.01
N ALA A 68 -5.45 -35.30 0.03
CA ALA A 68 -6.37 -34.41 0.74
C ALA A 68 -5.79 -33.01 0.72
N LEU A 69 -6.57 -32.06 0.23
CA LEU A 69 -6.16 -30.67 0.20
C LEU A 69 -6.88 -29.95 1.35
N PHE A 70 -6.11 -29.49 2.32
CA PHE A 70 -6.65 -28.87 3.54
C PHE A 70 -6.64 -27.36 3.42
N SER A 71 -7.82 -26.76 3.53
CA SER A 71 -7.90 -25.32 3.67
C SER A 71 -9.08 -24.95 4.56
N ALA A 72 -8.97 -25.36 5.82
CA ALA A 72 -10.07 -25.24 6.78
C ALA A 72 -9.65 -24.64 8.12
N GLY A 73 -8.53 -23.91 8.13
CA GLY A 73 -8.02 -23.29 9.36
C GLY A 73 -7.00 -24.17 10.05
N SER A 74 -5.99 -23.57 10.68
CA SER A 74 -4.89 -24.33 11.29
C SER A 74 -5.34 -25.38 12.32
N SER A 75 -6.35 -25.03 13.12
CA SER A 75 -6.92 -25.96 14.08
C SER A 75 -7.41 -27.27 13.42
N THR A 76 -8.02 -27.16 12.26
CA THR A 76 -8.59 -28.32 11.57
C THR A 76 -7.49 -29.21 10.99
N SER A 77 -6.40 -28.59 10.53
CA SER A 77 -5.27 -29.34 10.02
C SER A 77 -4.52 -30.03 11.16
N ALA A 78 -4.29 -29.32 12.26
CA ALA A 78 -3.68 -29.89 13.46
C ALA A 78 -4.44 -31.12 13.93
N LYS A 79 -5.77 -31.01 13.96
CA LYS A 79 -6.62 -32.10 14.41
C LYS A 79 -6.69 -33.30 13.47
N TYR A 80 -6.90 -33.07 12.16
CA TYR A 80 -7.23 -34.16 11.26
C TYR A 80 -6.15 -34.61 10.26
N ALA A 81 -5.23 -33.73 9.93
CA ALA A 81 -4.16 -34.07 8.99
C ALA A 81 -3.36 -35.30 9.44
N PRO A 82 -2.98 -35.39 10.74
CA PRO A 82 -2.26 -36.60 11.16
C PRO A 82 -3.05 -37.91 11.02
N TYR A 83 -4.38 -37.86 11.18
CA TYR A 83 -5.23 -39.03 10.94
C TYR A 83 -5.30 -39.36 9.46
N ALA A 84 -5.30 -38.33 8.62
CA ALA A 84 -5.25 -38.57 7.17
C ALA A 84 -3.94 -39.27 6.79
N VAL A 85 -2.81 -38.79 7.30
CA VAL A 85 -1.51 -39.45 7.07
C VAL A 85 -1.52 -40.93 7.52
N LYS A 86 -2.06 -41.20 8.70
CA LYS A 86 -2.17 -42.57 9.21
C LYS A 86 -3.02 -43.46 8.27
N ALA A 87 -4.05 -42.87 7.67
CA ALA A 87 -4.94 -43.54 6.73
C ALA A 87 -4.35 -43.77 5.33
N GLY A 88 -3.17 -43.20 5.07
CA GLY A 88 -2.42 -43.46 3.83
C GLY A 88 -2.51 -42.31 2.85
N VAL A 89 -3.05 -41.18 3.31
CA VAL A 89 -3.23 -39.99 2.46
C VAL A 89 -1.90 -39.23 2.31
N VAL A 90 -1.76 -38.48 1.21
CA VAL A 90 -0.79 -37.38 1.15
C VAL A 90 -1.56 -36.08 1.29
N VAL A 91 -1.19 -35.30 2.30
CA VAL A 91 -1.89 -34.05 2.63
C VAL A 91 -1.12 -32.88 2.02
N VAL A 92 -1.84 -31.99 1.34
CA VAL A 92 -1.27 -30.71 0.96
C VAL A 92 -2.05 -29.71 1.80
N ASP A 93 -1.34 -29.00 2.69
CA ASP A 93 -1.96 -28.13 3.70
C ASP A 93 -1.75 -26.64 3.41
N ASN A 94 -2.84 -25.87 3.28
CA ASN A 94 -2.75 -24.43 3.07
C ASN A 94 -2.53 -23.62 4.34
N THR A 95 -2.68 -24.26 5.50
CA THR A 95 -2.58 -23.54 6.79
C THR A 95 -1.13 -23.30 7.22
N SER A 96 -0.96 -22.49 8.26
CA SER A 96 0.37 -22.20 8.77
C SER A 96 0.87 -23.29 9.72
N TYR A 97 0.00 -24.22 10.11
CA TYR A 97 0.29 -25.10 11.25
C TYR A 97 1.58 -25.93 11.14
N PHE A 98 1.78 -26.57 10.00
CA PHE A 98 2.93 -27.47 9.81
C PHE A 98 4.13 -26.82 9.08
N ARG A 99 4.03 -25.53 8.74
CA ARG A 99 5.03 -24.92 7.83
C ARG A 99 6.47 -24.95 8.31
N GLN A 100 6.66 -24.85 9.62
CA GLN A 100 8.00 -24.74 10.20
C GLN A 100 8.46 -26.04 10.85
N ASN A 101 7.72 -27.12 10.60
CA ASN A 101 8.08 -28.46 11.07
C ASN A 101 9.12 -29.01 10.11
N PRO A 102 10.31 -29.42 10.62
CA PRO A 102 11.38 -29.82 9.70
C PRO A 102 11.08 -31.14 8.96
N ASP A 103 10.03 -31.85 9.38
CA ASP A 103 9.58 -33.06 8.69
C ASP A 103 8.61 -32.73 7.55
N VAL A 104 8.36 -31.44 7.35
CA VAL A 104 7.36 -30.97 6.37
C VAL A 104 7.99 -30.05 5.32
N PRO A 105 7.99 -30.48 4.03
CA PRO A 105 8.44 -29.60 2.97
C PRO A 105 7.50 -28.41 2.84
N LEU A 106 8.08 -27.22 2.64
CA LEU A 106 7.30 -25.99 2.48
C LEU A 106 7.54 -25.54 1.06
N VAL A 107 6.57 -25.81 0.17
CA VAL A 107 6.90 -25.84 -1.25
C VAL A 107 6.18 -24.80 -2.15
N VAL A 108 6.98 -24.14 -2.97
CA VAL A 108 6.52 -23.44 -4.18
C VAL A 108 7.13 -24.24 -5.35
N PRO A 109 6.29 -24.94 -6.16
CA PRO A 109 6.85 -25.92 -7.12
C PRO A 109 7.93 -25.38 -8.06
N GLU A 110 7.83 -24.10 -8.46
CA GLU A 110 8.86 -23.51 -9.32
C GLU A 110 10.20 -23.26 -8.63
N VAL A 111 10.20 -23.24 -7.31
CA VAL A 111 11.39 -22.85 -6.55
C VAL A 111 12.06 -24.05 -5.90
N ASN A 112 11.28 -24.88 -5.23
CA ASN A 112 11.85 -25.99 -4.45
C ASN A 112 11.06 -27.29 -4.55
N ALA A 113 10.63 -27.63 -5.75
CA ALA A 113 10.00 -28.95 -5.98
C ALA A 113 10.83 -30.13 -5.46
N HIS A 114 12.15 -30.00 -5.50
CA HIS A 114 13.04 -31.07 -5.02
C HIS A 114 12.73 -31.48 -3.57
N ALA A 115 12.20 -30.54 -2.78
CA ALA A 115 11.91 -30.81 -1.39
C ALA A 115 10.75 -31.79 -1.21
N LEU A 116 9.97 -32.01 -2.27
CA LEU A 116 8.83 -32.91 -2.21
C LEU A 116 9.26 -34.36 -2.05
N ASP A 117 10.43 -34.71 -2.57
CA ASP A 117 10.84 -36.11 -2.70
C ASP A 117 10.86 -36.80 -1.34
N ALA A 118 11.32 -36.07 -0.32
CA ALA A 118 11.46 -36.58 1.03
C ALA A 118 10.26 -36.34 1.95
N HIS A 119 9.09 -36.09 1.37
CA HIS A 119 7.90 -35.86 2.19
C HIS A 119 7.49 -37.04 3.08
N ASN A 120 6.90 -36.70 4.21
CA ASN A 120 6.42 -37.67 5.19
C ASN A 120 4.90 -37.65 5.32
N GLY A 121 4.22 -37.31 4.22
CA GLY A 121 2.75 -37.37 4.18
C GLY A 121 2.07 -36.03 4.25
N ILE A 122 2.80 -35.00 4.66
CA ILE A 122 2.27 -33.62 4.68
C ILE A 122 3.19 -32.68 3.93
N ILE A 123 2.63 -31.95 2.97
CA ILE A 123 3.36 -30.90 2.27
C ILE A 123 2.63 -29.60 2.59
N ALA A 124 3.38 -28.60 3.04
CA ALA A 124 2.78 -27.32 3.38
C ALA A 124 2.92 -26.31 2.25
N CYS A 125 1.80 -25.65 1.98
CA CYS A 125 1.76 -24.50 1.12
CA CYS A 125 1.80 -24.47 1.12
C CYS A 125 2.17 -23.27 1.95
N PRO A 126 3.08 -22.41 1.43
CA PRO A 126 3.41 -21.22 2.20
C PRO A 126 2.26 -20.19 2.24
N ASN A 127 2.47 -19.17 3.04
CA ASN A 127 1.62 -17.99 3.08
C ASN A 127 1.51 -17.35 1.68
N CYS A 128 0.31 -16.88 1.35
CA CYS A 128 0.08 -16.29 0.02
C CYS A 128 1.08 -15.19 -0.32
N SER A 129 1.29 -14.25 0.61
CA SER A 129 2.19 -13.14 0.31
CA SER A 129 2.20 -13.14 0.33
C SER A 129 3.61 -13.63 0.06
N THR A 130 4.03 -14.71 0.74
CA THR A 130 5.36 -15.24 0.52
C THR A 130 5.50 -15.89 -0.86
N ILE A 131 4.48 -16.64 -1.24
CA ILE A 131 4.53 -17.45 -2.50
C ILE A 131 4.81 -16.53 -3.68
N GLN A 132 4.04 -15.44 -3.80
CA GLN A 132 4.23 -14.62 -4.99
C GLN A 132 5.59 -13.94 -4.96
N MET A 133 6.08 -13.59 -3.76
CA MET A 133 7.41 -13.01 -3.67
C MET A 133 8.51 -13.99 -4.09
N MET A 134 8.34 -15.26 -3.76
CA MET A 134 9.31 -16.30 -4.12
C MET A 134 9.38 -16.53 -5.63
N VAL A 135 8.23 -16.46 -6.28
CA VAL A 135 8.17 -16.64 -7.74
C VAL A 135 8.95 -15.51 -8.42
N ALA A 136 8.74 -14.29 -7.92
CA ALA A 136 9.40 -13.12 -8.49
C ALA A 136 10.90 -13.12 -8.24
N LEU A 137 11.31 -13.57 -7.06
CA LEU A 137 12.71 -13.38 -6.63
C LEU A 137 13.66 -14.53 -6.94
N GLU A 138 13.12 -15.74 -7.04
CA GLU A 138 13.97 -16.90 -7.28
C GLU A 138 14.83 -16.76 -8.54
N PRO A 139 14.27 -16.28 -9.68
CA PRO A 139 15.14 -16.15 -10.84
C PRO A 139 16.27 -15.13 -10.67
N VAL A 140 16.05 -14.13 -9.81
CA VAL A 140 17.08 -13.16 -9.50
C VAL A 140 18.14 -13.80 -8.59
N ARG A 141 17.68 -14.52 -7.57
CA ARG A 141 18.59 -15.17 -6.63
C ARG A 141 19.50 -16.15 -7.38
N GLN A 142 18.91 -16.91 -8.32
CA GLN A 142 19.68 -17.90 -9.07
C GLN A 142 20.89 -17.30 -9.75
N LYS A 143 20.75 -16.08 -10.27
CA LYS A 143 21.79 -15.47 -11.10
C LYS A 143 22.72 -14.48 -10.36
N TRP A 144 22.20 -13.79 -9.35
CA TRP A 144 22.96 -12.74 -8.66
C TRP A 144 22.90 -12.81 -7.14
N GLY A 145 22.20 -13.82 -6.61
CA GLY A 145 22.07 -14.01 -5.15
C GLY A 145 21.17 -12.97 -4.49
N LEU A 146 20.86 -13.21 -3.22
CA LEU A 146 20.02 -12.30 -2.42
C LEU A 146 20.62 -12.12 -1.06
N ASP A 147 20.88 -10.87 -0.72
CA ASP A 147 21.43 -10.50 0.55
C ASP A 147 20.33 -10.10 1.54
N ARG A 148 19.38 -9.30 1.06
CA ARG A 148 18.27 -8.86 1.92
C ARG A 148 17.06 -8.52 1.09
N ILE A 149 15.92 -8.55 1.76
CA ILE A 149 14.62 -8.16 1.23
C ILE A 149 13.94 -7.22 2.22
N ILE A 150 13.33 -6.14 1.74
CA ILE A 150 12.41 -5.32 2.54
C ILE A 150 11.16 -5.27 1.69
N VAL A 151 10.04 -5.65 2.28
CA VAL A 151 8.79 -5.68 1.51
C VAL A 151 7.67 -4.99 2.28
N SER A 152 6.85 -4.23 1.55
CA SER A 152 5.63 -3.71 2.12
C SER A 152 4.48 -4.22 1.27
N THR A 153 3.47 -4.77 1.91
CA THR A 153 2.41 -5.45 1.15
C THR A 153 1.15 -4.63 1.11
N TYR A 154 0.30 -4.97 0.14
CA TYR A 154 -0.97 -4.29 -0.16
C TYR A 154 -1.93 -5.45 -0.37
N GLN A 155 -2.44 -5.98 0.73
CA GLN A 155 -3.11 -7.29 0.72
C GLN A 155 -4.62 -7.18 0.62
N ALA A 156 -5.20 -8.04 -0.24
CA ALA A 156 -6.65 -8.13 -0.41
C ALA A 156 -7.39 -8.76 0.77
N VAL A 157 -8.64 -8.37 0.96
CA VAL A 157 -9.42 -8.87 2.09
C VAL A 157 -9.81 -10.34 1.98
N SER A 158 -9.88 -10.90 0.77
CA SER A 158 -10.17 -12.34 0.63
C SER A 158 -9.14 -13.22 1.34
N GLY A 159 -7.94 -12.67 1.60
CA GLY A 159 -6.92 -13.37 2.38
C GLY A 159 -7.41 -13.75 3.77
N ALA A 160 -8.43 -13.04 4.27
CA ALA A 160 -8.93 -13.25 5.62
C ALA A 160 -10.21 -14.08 5.61
N GLY A 161 -10.59 -14.56 4.43
CA GLY A 161 -11.72 -15.49 4.30
C GLY A 161 -12.99 -14.87 3.74
N MET A 162 -13.97 -15.73 3.48
CA MET A 162 -15.24 -15.28 2.94
C MET A 162 -15.90 -14.15 3.74
N GLY A 163 -15.83 -14.25 5.07
CA GLY A 163 -16.50 -13.29 5.96
C GLY A 163 -15.91 -11.89 5.77
N ALA A 164 -14.58 -11.82 5.64
CA ALA A 164 -13.91 -10.52 5.46
C ALA A 164 -14.34 -9.86 4.15
N ILE A 165 -14.55 -10.65 3.10
CA ILE A 165 -15.05 -10.09 1.83
C ILE A 165 -16.42 -9.42 2.01
N LEU A 166 -17.34 -10.14 2.66
CA LEU A 166 -18.67 -9.63 2.90
C LEU A 166 -18.66 -8.37 3.78
N GLU A 167 -17.84 -8.38 4.83
CA GLU A 167 -17.69 -7.22 5.71
C GLU A 167 -17.21 -5.99 4.93
N THR A 168 -16.21 -6.19 4.07
CA THR A 168 -15.67 -5.11 3.23
C THR A 168 -16.75 -4.52 2.32
N GLN A 169 -17.49 -5.40 1.64
CA GLN A 169 -18.53 -4.96 0.71
C GLN A 169 -19.65 -4.20 1.45
N ARG A 170 -20.07 -4.72 2.59
CA ARG A 170 -21.10 -4.07 3.40
C ARG A 170 -20.64 -2.68 3.87
N GLU A 171 -19.41 -2.60 4.37
CA GLU A 171 -18.87 -1.33 4.87
C GLU A 171 -18.84 -0.28 3.77
N LEU A 172 -18.35 -0.66 2.58
CA LEU A 172 -18.27 0.26 1.45
C LEU A 172 -19.66 0.75 1.03
N ARG A 173 -20.63 -0.16 1.05
CA ARG A 173 -22.01 0.21 0.76
C ARG A 173 -22.58 1.20 1.78
N GLU A 174 -22.29 0.97 3.06
CA GLU A 174 -22.76 1.88 4.12
C GLU A 174 -22.21 3.30 3.94
N VAL A 175 -20.94 3.40 3.55
CA VAL A 175 -20.32 4.70 3.32
C VAL A 175 -20.91 5.36 2.08
N LEU A 176 -20.94 4.60 0.99
CA LEU A 176 -21.33 5.13 -0.31
C LEU A 176 -22.84 5.38 -0.45
N ASN A 177 -23.62 4.51 0.20
CA ASN A 177 -25.09 4.52 0.09
C ASN A 177 -25.84 5.15 1.27
N ASP A 178 -25.27 5.08 2.47
CA ASP A 178 -25.92 5.62 3.67
C ASP A 178 -25.25 6.85 4.24
N GLY A 179 -24.10 7.20 3.67
CA GLY A 179 -23.33 8.37 4.09
C GLY A 179 -22.65 8.24 5.44
N VAL A 180 -22.40 7.01 5.89
CA VAL A 180 -21.68 6.75 7.13
C VAL A 180 -20.22 7.19 6.97
N LYS A 181 -19.66 7.88 7.96
CA LYS A 181 -18.24 8.20 7.92
C LYS A 181 -17.48 6.89 8.13
N PRO A 182 -16.41 6.65 7.35
CA PRO A 182 -15.67 5.40 7.56
C PRO A 182 -15.26 5.18 9.01
N CYS A 183 -14.79 6.23 9.70
CA CYS A 183 -14.35 6.07 11.10
C CYS A 183 -15.48 5.67 12.06
N ASP A 184 -16.74 5.80 11.61
CA ASP A 184 -17.91 5.42 12.41
C ASP A 184 -18.48 4.04 12.11
N LEU A 185 -17.92 3.33 11.13
CA LEU A 185 -18.36 1.98 10.78
C LEU A 185 -18.12 0.96 11.89
N HIS A 186 -18.96 -0.07 11.94
CA HIS A 186 -18.80 -1.17 12.89
C HIS A 186 -18.15 -2.34 12.16
N ALA A 187 -17.12 -2.93 12.76
CA ALA A 187 -16.43 -4.09 12.19
C ALA A 187 -16.40 -5.24 13.18
N GLU A 188 -16.41 -6.47 12.66
CA GLU A 188 -16.40 -7.70 13.46
C GLU A 188 -15.20 -8.61 13.16
N ILE A 189 -14.60 -8.44 11.98
CA ILE A 189 -13.57 -9.40 11.56
C ILE A 189 -12.19 -8.73 11.41
N LEU A 190 -12.08 -7.79 10.48
CA LEU A 190 -10.77 -7.18 10.22
C LEU A 190 -10.31 -6.28 11.38
N PRO A 191 -9.00 -6.10 11.55
CA PRO A 191 -7.89 -6.66 10.76
C PRO A 191 -7.70 -8.18 10.94
N SER A 192 -8.03 -8.70 12.12
CA SER A 192 -7.80 -10.11 12.44
C SER A 192 -8.95 -10.70 13.24
N GLY A 193 -9.61 -11.71 12.67
CA GLY A 193 -10.80 -12.29 13.28
C GLY A 193 -10.61 -12.69 14.73
N GLY A 194 -9.45 -13.29 15.03
CA GLY A 194 -9.18 -13.79 16.37
C GLY A 194 -8.74 -12.77 17.40
N ASP A 195 -8.36 -11.57 16.93
CA ASP A 195 -7.85 -10.53 17.84
C ASP A 195 -8.98 -9.80 18.56
N LYS A 196 -8.61 -8.93 19.50
CA LYS A 196 -9.54 -8.37 20.47
C LYS A 196 -10.37 -7.22 19.95
N LYS A 197 -9.80 -6.43 19.04
CA LYS A 197 -10.46 -5.27 18.50
C LYS A 197 -10.57 -5.38 17.01
N HIS A 198 -11.63 -4.80 16.45
CA HIS A 198 -11.84 -4.84 15.01
C HIS A 198 -12.07 -3.44 14.46
N TYR A 199 -11.55 -3.19 13.26
CA TYR A 199 -11.59 -1.85 12.66
C TYR A 199 -12.13 -1.89 11.26
N PRO A 200 -12.71 -0.78 10.77
CA PRO A 200 -13.16 -0.72 9.38
C PRO A 200 -11.99 -0.81 8.41
N ILE A 201 -12.24 -1.43 7.26
CA ILE A 201 -11.27 -1.46 6.15
C ILE A 201 -11.70 -0.52 5.02
N ALA A 202 -12.99 -0.21 4.94
CA ALA A 202 -13.50 0.70 3.92
C ALA A 202 -12.74 2.04 3.93
N PHE A 203 -12.18 2.40 2.77
CA PHE A 203 -11.38 3.65 2.61
C PHE A 203 -10.23 3.76 3.63
N ASN A 204 -9.67 2.61 3.99
CA ASN A 204 -8.64 2.55 5.03
C ASN A 204 -7.45 1.72 4.58
N ALA A 205 -6.36 1.79 5.34
CA ALA A 205 -5.24 0.89 5.13
C ALA A 205 -4.84 0.44 6.52
N LEU A 206 -5.02 -0.85 6.79
CA LEU A 206 -4.79 -1.37 8.15
C LEU A 206 -3.46 -2.06 8.22
N PRO A 207 -2.48 -1.51 8.97
CA PRO A 207 -1.14 -2.12 9.03
C PRO A 207 -1.10 -3.27 10.05
N GLN A 208 -2.07 -4.17 9.95
CA GLN A 208 -2.05 -5.37 10.78
C GLN A 208 -2.69 -6.50 10.00
N ILE A 209 -1.94 -7.57 9.77
CA ILE A 209 -2.48 -8.83 9.26
C ILE A 209 -2.01 -9.90 10.23
N ASP A 210 -2.96 -10.74 10.66
CA ASP A 210 -2.76 -11.72 11.76
C ASP A 210 -2.54 -10.96 13.08
N VAL A 211 -2.13 -11.67 14.12
CA VAL A 211 -1.93 -11.05 15.43
C VAL A 211 -0.46 -10.64 15.65
N PHE A 212 -0.23 -9.81 16.66
CA PHE A 212 1.12 -9.37 16.94
C PHE A 212 1.95 -10.44 17.63
N THR A 213 3.22 -10.55 17.26
CA THR A 213 4.15 -11.40 18.00
C THR A 213 4.91 -10.56 19.02
N ASP A 214 5.72 -11.25 19.84
CA ASP A 214 6.54 -10.62 20.88
C ASP A 214 7.51 -9.54 20.43
N ASN A 215 7.87 -9.51 19.14
CA ASN A 215 8.87 -8.56 18.69
C ASN A 215 8.23 -7.37 17.98
N ASP A 216 6.90 -7.26 18.07
CA ASP A 216 6.15 -6.10 17.53
C ASP A 216 5.94 -6.15 16.02
N TYR A 217 6.44 -7.23 15.38
CA TYR A 217 6.01 -7.58 14.01
C TYR A 217 4.79 -8.49 14.16
N THR A 218 3.90 -8.49 13.17
CA THR A 218 2.79 -9.43 13.22
C THR A 218 3.22 -10.83 12.74
N TYR A 219 2.35 -11.80 12.98
CA TYR A 219 2.66 -13.15 12.52
C TYR A 219 2.78 -13.17 10.99
N GLU A 220 1.97 -12.39 10.28
CA GLU A 220 2.08 -12.36 8.82
C GLU A 220 3.48 -11.89 8.37
N GLU A 221 4.01 -10.84 9.01
CA GLU A 221 5.31 -10.31 8.67
C GLU A 221 6.40 -11.34 8.98
N MET A 222 6.30 -11.95 10.14
CA MET A 222 7.27 -12.95 10.55
C MET A 222 7.20 -14.22 9.68
N LYS A 223 6.02 -14.54 9.18
CA LYS A 223 5.87 -15.65 8.23
C LYS A 223 6.63 -15.37 6.94
N MET A 224 6.50 -14.15 6.41
CA MET A 224 7.28 -13.78 5.22
C MET A 224 8.77 -13.96 5.47
N THR A 225 9.23 -13.54 6.64
CA THR A 225 10.63 -13.76 7.01
C THR A 225 11.05 -15.24 7.11
N LYS A 226 10.34 -16.00 7.93
CA LYS A 226 10.75 -17.40 8.20
C LYS A 226 10.51 -18.34 7.03
N GLU A 227 9.39 -18.13 6.33
CA GLU A 227 9.06 -18.96 5.18
C GLU A 227 10.01 -18.76 4.01
N THR A 228 10.41 -17.52 3.73
CA THR A 228 11.43 -17.23 2.72
C THR A 228 12.73 -17.99 2.98
N LYS A 229 13.20 -17.92 4.22
CA LYS A 229 14.43 -18.62 4.59
C LYS A 229 14.32 -20.13 4.36
N LYS A 230 13.18 -20.71 4.70
CA LYS A 230 12.99 -22.17 4.53
C LYS A 230 12.88 -22.57 3.04
N ILE A 231 12.08 -21.80 2.29
CA ILE A 231 11.85 -22.10 0.88
C ILE A 231 13.12 -21.98 0.05
N MET A 232 13.86 -20.89 0.26
CA MET A 232 15.09 -20.64 -0.47
C MET A 232 16.30 -21.34 0.18
N GLU A 233 16.03 -22.07 1.27
CA GLU A 233 17.08 -22.85 1.98
C GLU A 233 18.33 -22.02 2.28
N ASP A 234 18.09 -20.83 2.82
CA ASP A 234 19.17 -19.92 3.15
C ASP A 234 18.73 -19.01 4.30
N ASP A 235 19.17 -19.38 5.50
CA ASP A 235 18.88 -18.59 6.70
C ASP A 235 19.62 -17.26 6.74
N SER A 236 20.58 -17.06 5.84
CA SER A 236 21.34 -15.82 5.81
C SER A 236 20.64 -14.66 5.08
N ILE A 237 19.55 -14.98 4.38
CA ILE A 237 18.81 -13.90 3.70
C ILE A 237 18.08 -13.07 4.76
N ALA A 238 18.38 -11.77 4.82
CA ALA A 238 17.74 -10.85 5.77
C ALA A 238 16.39 -10.46 5.17
N VAL A 239 15.31 -10.66 5.91
CA VAL A 239 13.96 -10.29 5.42
C VAL A 239 13.21 -9.56 6.52
N SER A 240 12.75 -8.35 6.23
CA SER A 240 11.83 -7.63 7.11
C SER A 240 10.65 -7.15 6.26
N ALA A 241 9.46 -7.27 6.84
CA ALA A 241 8.18 -6.98 6.17
C ALA A 241 7.26 -6.09 6.98
N THR A 242 6.42 -5.34 6.24
CA THR A 242 5.29 -4.59 6.77
C THR A 242 4.10 -5.07 5.95
N CYS A 243 3.11 -5.64 6.62
CA CYS A 243 1.97 -6.23 5.96
C CYS A 243 0.70 -5.44 6.23
N VAL A 244 0.09 -4.94 5.15
CA VAL A 244 -1.01 -3.99 5.26
C VAL A 244 -2.21 -4.48 4.46
N ARG A 245 -3.39 -4.41 5.06
CA ARG A 245 -4.64 -4.71 4.37
C ARG A 245 -5.17 -3.45 3.72
N ILE A 246 -5.62 -3.58 2.47
CA ILE A 246 -6.21 -2.43 1.76
C ILE A 246 -7.55 -2.86 1.18
N PRO A 247 -8.37 -1.88 0.71
CA PRO A 247 -9.73 -2.20 0.20
C PRO A 247 -9.73 -2.82 -1.21
N VAL A 248 -9.17 -4.02 -1.29
CA VAL A 248 -9.11 -4.81 -2.52
C VAL A 248 -9.71 -6.16 -2.15
N LEU A 249 -10.59 -6.72 -3.00
CA LEU A 249 -11.20 -7.99 -2.65
C LEU A 249 -10.27 -9.17 -2.95
N SER A 250 -9.66 -9.13 -4.13
CA SER A 250 -8.77 -10.20 -4.60
C SER A 250 -7.51 -9.65 -5.22
N ALA A 251 -6.41 -10.38 -4.95
CA ALA A 251 -5.04 -10.18 -5.48
C ALA A 251 -4.22 -9.29 -4.56
N HIS A 252 -3.07 -9.83 -4.12
CA HIS A 252 -2.13 -9.07 -3.30
C HIS A 252 -1.09 -8.37 -4.16
N SER A 253 -0.72 -7.15 -3.76
CA SER A 253 0.35 -6.44 -4.41
C SER A 253 1.48 -6.23 -3.42
N GLU A 254 2.72 -6.20 -3.89
CA GLU A 254 3.87 -6.01 -2.99
C GLU A 254 4.90 -5.07 -3.58
N SER A 255 5.32 -4.09 -2.77
CA SER A 255 6.45 -3.27 -3.11
C SER A 255 7.67 -3.96 -2.50
N VAL A 256 8.53 -4.49 -3.35
CA VAL A 256 9.64 -5.34 -2.95
C VAL A 256 10.97 -4.68 -3.24
N TYR A 257 11.81 -4.57 -2.22
CA TYR A 257 13.17 -4.08 -2.35
C TYR A 257 14.10 -5.20 -2.03
N ILE A 258 15.10 -5.39 -2.88
CA ILE A 258 16.15 -6.36 -2.61
C ILE A 258 17.54 -5.75 -2.77
N GLU A 259 18.51 -6.35 -2.09
CA GLU A 259 19.89 -6.18 -2.48
C GLU A 259 20.42 -7.56 -2.84
N THR A 260 20.99 -7.64 -4.03
CA THR A 260 21.61 -8.85 -4.54
C THR A 260 23.05 -8.98 -4.02
N LYS A 261 23.64 -10.17 -4.20
CA LYS A 261 25.05 -10.37 -3.83
C LYS A 261 26.00 -9.77 -4.87
N GLU A 262 25.62 -9.84 -6.14
CA GLU A 262 26.38 -9.19 -7.21
C GLU A 262 25.45 -8.26 -7.96
N VAL A 263 26.02 -7.21 -8.56
CA VAL A 263 25.22 -6.22 -9.31
C VAL A 263 24.48 -6.92 -10.45
N ALA A 264 23.17 -6.75 -10.49
CA ALA A 264 22.29 -7.42 -11.44
C ALA A 264 21.76 -6.39 -12.41
N PRO A 265 22.28 -6.39 -13.65
CA PRO A 265 21.84 -5.39 -14.63
C PRO A 265 20.32 -5.47 -14.85
N ILE A 266 19.64 -4.31 -14.85
CA ILE A 266 18.17 -4.32 -14.83
C ILE A 266 17.57 -5.02 -16.06
N GLU A 267 18.16 -4.85 -17.23
CA GLU A 267 17.62 -5.55 -18.41
C GLU A 267 17.73 -7.06 -18.29
N GLU A 268 18.78 -7.53 -17.62
CA GLU A 268 18.98 -8.96 -17.42
C GLU A 268 18.03 -9.49 -16.36
N VAL A 269 17.76 -8.67 -15.34
CA VAL A 269 16.78 -9.02 -14.30
C VAL A 269 15.38 -9.21 -14.90
N LYS A 270 14.98 -8.25 -15.73
CA LYS A 270 13.69 -8.33 -16.43
C LYS A 270 13.64 -9.62 -17.26
N ALA A 271 14.71 -9.90 -18.00
CA ALA A 271 14.76 -11.09 -18.84
C ALA A 271 14.70 -12.39 -18.03
N ALA A 272 15.40 -12.42 -16.89
CA ALA A 272 15.40 -13.59 -16.02
C ALA A 272 14.00 -13.85 -15.43
N ILE A 273 13.31 -12.78 -15.03
CA ILE A 273 11.95 -12.93 -14.50
C ILE A 273 10.97 -13.40 -15.60
N ALA A 274 11.07 -12.78 -16.77
CA ALA A 274 10.25 -13.17 -17.93
C ALA A 274 10.39 -14.65 -18.25
N ALA A 275 11.62 -15.16 -18.14
CA ALA A 275 11.96 -16.54 -18.47
C ALA A 275 11.61 -17.59 -17.39
N PHE A 276 11.19 -17.12 -16.22
CA PHE A 276 10.98 -18.00 -15.09
C PHE A 276 9.54 -18.52 -15.06
N PRO A 277 9.36 -19.85 -14.99
CA PRO A 277 7.99 -20.40 -15.00
C PRO A 277 7.14 -19.82 -13.85
N GLY A 278 5.91 -19.40 -14.16
CA GLY A 278 5.00 -18.89 -13.14
C GLY A 278 5.07 -17.37 -13.00
N ALA A 279 6.11 -16.76 -13.56
CA ALA A 279 6.30 -15.30 -13.51
C ALA A 279 6.08 -14.69 -14.90
N VAL A 280 5.36 -13.59 -14.93
CA VAL A 280 5.14 -12.86 -16.18
C VAL A 280 5.66 -11.43 -15.98
N LEU A 281 6.52 -10.99 -16.88
CA LEU A 281 6.99 -9.61 -16.87
C LEU A 281 5.90 -8.72 -17.45
N GLU A 282 5.45 -7.74 -16.67
CA GLU A 282 4.55 -6.69 -17.13
C GLU A 282 5.20 -5.38 -16.77
N ASP A 283 6.04 -4.87 -17.68
CA ASP A 283 6.93 -3.76 -17.34
C ASP A 283 7.27 -3.01 -18.62
N ASP A 284 6.48 -1.98 -18.89
CA ASP A 284 6.71 -1.14 -20.04
C ASP A 284 6.17 0.22 -19.67
N VAL A 285 7.00 0.97 -18.96
CA VAL A 285 6.54 2.23 -18.37
C VAL A 285 6.19 3.28 -19.42
N ALA A 286 6.82 3.21 -20.59
CA ALA A 286 6.48 4.07 -21.72
C ALA A 286 5.00 3.97 -22.11
N HIS A 287 4.39 2.80 -21.86
CA HIS A 287 2.96 2.61 -22.12
C HIS A 287 2.18 2.36 -20.83
N GLN A 288 2.72 2.84 -19.70
CA GLN A 288 2.09 2.69 -18.39
C GLN A 288 1.69 1.24 -18.12
N ILE A 289 2.59 0.31 -18.43
CA ILE A 289 2.35 -1.10 -18.17
C ILE A 289 3.07 -1.56 -16.91
N TYR A 290 2.28 -2.06 -15.96
CA TYR A 290 2.78 -2.60 -14.70
C TYR A 290 1.71 -3.55 -14.15
N PRO A 291 2.10 -4.46 -13.25
CA PRO A 291 1.11 -5.34 -12.66
C PRO A 291 -0.01 -4.60 -11.93
N GLN A 292 -1.24 -5.09 -12.04
CA GLN A 292 -2.40 -4.51 -11.32
C GLN A 292 -3.25 -5.62 -10.72
N ALA A 293 -3.64 -5.45 -9.45
CA ALA A 293 -4.55 -6.39 -8.77
C ALA A 293 -5.74 -6.77 -9.64
N ILE A 294 -6.44 -5.80 -10.22
CA ILE A 294 -7.67 -6.14 -10.96
C ILE A 294 -7.37 -6.97 -12.20
N ASN A 295 -6.18 -6.82 -12.77
CA ASN A 295 -5.82 -7.63 -13.94
C ASN A 295 -5.35 -9.03 -13.59
N ALA A 296 -4.80 -9.19 -12.38
CA ALA A 296 -4.24 -10.46 -11.94
C ALA A 296 -5.29 -11.46 -11.48
N VAL A 297 -6.46 -10.96 -11.07
CA VAL A 297 -7.53 -11.83 -10.56
C VAL A 297 -7.91 -12.86 -11.61
N GLY A 298 -7.94 -14.12 -11.20
CA GLY A 298 -8.29 -15.21 -12.11
C GLY A 298 -7.15 -15.91 -12.82
N SER A 299 -5.93 -15.35 -12.74
CA SER A 299 -4.75 -15.94 -13.38
C SER A 299 -3.89 -16.63 -12.35
N ARG A 300 -3.32 -17.76 -12.77
CA ARG A 300 -2.38 -18.53 -11.96
C ARG A 300 -0.98 -17.89 -11.95
N ASP A 301 -0.73 -16.93 -12.85
CA ASP A 301 0.61 -16.33 -12.99
C ASP A 301 0.83 -15.27 -11.92
N THR A 302 2.10 -14.94 -11.72
CA THR A 302 2.53 -13.86 -10.81
C THR A 302 3.15 -12.78 -11.71
N PHE A 303 2.71 -11.53 -11.55
CA PHE A 303 3.07 -10.47 -12.48
C PHE A 303 4.05 -9.53 -11.82
N VAL A 304 5.12 -9.20 -12.54
CA VAL A 304 6.22 -8.38 -11.99
C VAL A 304 6.52 -7.20 -12.89
N GLY A 305 6.65 -6.02 -12.29
CA GLY A 305 7.04 -4.84 -13.03
C GLY A 305 7.56 -3.76 -12.11
N ARG A 306 7.50 -2.52 -12.57
CA ARG A 306 8.18 -1.38 -11.94
C ARG A 306 9.65 -1.69 -11.59
N ILE A 307 10.32 -2.54 -12.36
CA ILE A 307 11.66 -3.00 -11.95
C ILE A 307 12.66 -1.88 -12.24
N ARG A 308 13.44 -1.50 -11.24
CA ARG A 308 14.37 -0.39 -11.39
C ARG A 308 15.42 -0.45 -10.30
N LYS A 309 16.60 0.07 -10.60
CA LYS A 309 17.65 0.04 -9.57
C LYS A 309 17.40 1.13 -8.51
N ASP A 310 17.86 0.88 -7.29
CA ASP A 310 17.83 1.88 -6.23
C ASP A 310 18.61 3.13 -6.68
N LEU A 311 18.21 4.29 -6.19
CA LEU A 311 18.88 5.54 -6.57
C LEU A 311 20.29 5.66 -5.98
N ASP A 312 20.62 4.84 -4.98
CA ASP A 312 21.90 4.97 -4.27
C ASP A 312 22.64 3.67 -3.99
N ALA A 313 21.92 2.62 -3.60
CA ALA A 313 22.54 1.34 -3.26
C ALA A 313 22.89 0.59 -4.54
N GLU A 314 24.19 0.33 -4.72
CA GLU A 314 24.72 -0.27 -5.94
C GLU A 314 23.97 -1.56 -6.33
N LYS A 315 23.65 -2.37 -5.33
CA LYS A 315 23.05 -3.69 -5.54
C LYS A 315 21.55 -3.74 -5.23
N GLY A 316 20.97 -2.57 -5.01
CA GLY A 316 19.57 -2.48 -4.63
C GLY A 316 18.68 -2.41 -5.87
N ILE A 317 17.57 -3.12 -5.81
CA ILE A 317 16.54 -3.15 -6.86
C ILE A 317 15.14 -3.07 -6.23
N HIS A 318 14.27 -2.28 -6.86
CA HIS A 318 12.86 -2.22 -6.45
C HIS A 318 11.99 -2.85 -7.53
N MET A 319 10.88 -3.43 -7.12
CA MET A 319 9.90 -3.95 -8.10
C MET A 319 8.51 -4.00 -7.47
N TRP A 320 7.54 -4.37 -8.30
CA TRP A 320 6.14 -4.43 -7.89
C TRP A 320 5.63 -5.80 -8.31
N VAL A 321 5.08 -6.55 -7.35
CA VAL A 321 4.72 -7.95 -7.59
C VAL A 321 3.26 -8.16 -7.22
N VAL A 322 2.48 -8.78 -8.14
CA VAL A 322 1.04 -8.94 -7.91
C VAL A 322 0.63 -10.37 -8.28
N SER A 323 -0.18 -11.02 -7.43
CA SER A 323 -0.80 -12.30 -7.80
C SER A 323 -2.14 -12.51 -7.11
N ASP A 324 -3.03 -13.28 -7.73
CA ASP A 324 -4.28 -13.64 -7.11
C ASP A 324 -3.98 -14.49 -5.87
N ASN A 325 -4.29 -13.96 -4.69
CA ASN A 325 -3.97 -14.62 -3.42
C ASN A 325 -4.72 -15.93 -3.16
N LEU A 326 -5.82 -16.15 -3.87
CA LEU A 326 -6.57 -17.42 -3.74
C LEU A 326 -6.10 -18.45 -4.76
N LEU A 327 -5.36 -18.01 -5.78
CA LEU A 327 -4.86 -18.94 -6.81
C LEU A 327 -3.42 -19.27 -6.51
N LYS A 328 -2.46 -18.57 -7.10
CA LYS A 328 -1.06 -18.88 -6.77
C LYS A 328 -0.81 -18.75 -5.28
N GLY A 329 -1.50 -17.84 -4.61
CA GLY A 329 -1.34 -17.71 -3.15
C GLY A 329 -1.93 -18.83 -2.31
N ALA A 330 -2.78 -19.68 -2.89
CA ALA A 330 -3.39 -20.76 -2.11
C ALA A 330 -3.79 -21.97 -2.98
N ALA A 331 -4.96 -21.88 -3.62
CA ALA A 331 -5.54 -23.08 -4.27
C ALA A 331 -4.74 -23.59 -5.47
N TRP A 332 -4.22 -22.69 -6.30
CA TRP A 332 -3.39 -23.13 -7.41
C TRP A 332 -2.05 -23.66 -6.92
N ASN A 333 -1.43 -23.03 -5.93
CA ASN A 333 -0.19 -23.60 -5.44
C ASN A 333 -0.39 -25.02 -4.92
N SER A 334 -1.52 -25.25 -4.24
CA SER A 334 -1.84 -26.57 -3.71
C SER A 334 -2.10 -27.59 -4.80
N VAL A 335 -2.91 -27.24 -5.80
CA VAL A 335 -3.18 -28.16 -6.89
C VAL A 335 -1.91 -28.42 -7.73
N GLN A 336 -1.11 -27.37 -7.93
CA GLN A 336 0.18 -27.51 -8.62
C GLN A 336 1.11 -28.46 -7.84
N ILE A 337 1.14 -28.33 -6.51
CA ILE A 337 1.86 -29.31 -5.69
C ILE A 337 1.32 -30.74 -5.94
N ALA A 338 0.01 -30.89 -5.95
CA ALA A 338 -0.58 -32.23 -6.16
C ALA A 338 -0.20 -32.79 -7.54
N GLU A 339 -0.23 -31.93 -8.58
CA GLU A 339 0.18 -32.34 -9.92
C GLU A 339 1.66 -32.72 -9.93
N THR A 340 2.47 -32.01 -9.15
CA THR A 340 3.91 -32.30 -9.11
C THR A 340 4.16 -33.61 -8.36
N LEU A 341 3.40 -33.85 -7.31
CA LEU A 341 3.50 -35.15 -6.62
C LEU A 341 3.13 -36.27 -7.58
N HIS A 342 2.07 -36.09 -8.36
CA HIS A 342 1.70 -37.10 -9.38
C HIS A 342 2.84 -37.36 -10.38
N GLU A 343 3.40 -36.27 -10.94
CA GLU A 343 4.53 -36.35 -11.90
C GLU A 343 5.68 -37.16 -11.38
N ARG A 344 5.95 -36.99 -10.07
CA ARG A 344 7.13 -37.56 -9.46
C ARG A 344 6.89 -38.90 -8.77
N GLY A 345 5.67 -39.43 -8.89
CA GLY A 345 5.32 -40.74 -8.31
C GLY A 345 5.30 -40.73 -6.80
N LEU A 346 4.92 -39.58 -6.25
CA LEU A 346 5.00 -39.35 -4.79
C LEU A 346 3.65 -39.42 -4.09
N VAL A 347 2.60 -39.83 -4.81
CA VAL A 347 1.28 -40.01 -4.20
C VAL A 347 1.13 -41.46 -3.72
N ARG A 348 1.57 -41.70 -2.50
CA ARG A 348 1.46 -43.03 -1.90
C ARG A 348 1.54 -42.87 -0.37
N PRO A 349 0.99 -43.85 0.37
CA PRO A 349 1.06 -43.87 1.83
C PRO A 349 2.47 -43.71 2.37
N THR A 350 2.57 -43.04 3.51
CA THR A 350 3.82 -42.89 4.24
C THR A 350 3.84 -43.97 5.31
N ALA A 351 4.89 -44.79 5.30
CA ALA A 351 5.02 -45.90 6.23
C ALA A 351 5.17 -45.45 7.68
N GLU A 352 6.10 -44.53 7.91
CA GLU A 352 6.44 -44.06 9.23
C GLU A 352 5.65 -42.79 9.58
N LEU A 353 4.89 -42.84 10.68
CA LEU A 353 4.13 -41.66 11.13
C LEU A 353 4.98 -40.73 12.01
N LYS A 354 5.12 -39.47 11.58
CA LYS A 354 5.94 -38.48 12.27
C LYS A 354 5.11 -37.40 12.97
N PHE A 355 3.79 -37.47 12.83
CA PHE A 355 2.91 -36.43 13.33
C PHE A 355 1.98 -36.96 14.43
N GLU A 356 2.07 -36.34 15.60
CA GLU A 356 1.32 -36.78 16.78
C GLU A 356 -0.18 -36.71 16.52
N LEU A 357 -0.87 -37.78 16.89
CA LEU A 357 -2.32 -37.83 16.79
C LEU A 357 -2.94 -36.98 17.90
N LYS A 358 -3.78 -36.03 17.48
CA LYS A 358 -4.51 -35.09 18.36
C LYS A 358 -3.64 -33.94 18.83
N GLY B 2 -5.09 44.15 9.55
CA GLY B 2 -5.24 42.76 9.01
C GLY B 2 -4.81 42.64 7.55
N TYR B 3 -4.97 41.45 7.00
CA TYR B 3 -4.51 41.14 5.66
C TYR B 3 -5.64 40.96 4.66
N THR B 4 -5.34 41.26 3.40
CA THR B 4 -6.14 40.80 2.28
C THR B 4 -5.53 39.48 1.80
N VAL B 5 -6.34 38.43 1.83
CA VAL B 5 -5.87 37.10 1.46
C VAL B 5 -6.66 36.62 0.24
N ALA B 6 -5.93 36.16 -0.77
CA ALA B 6 -6.53 35.54 -1.96
C ALA B 6 -6.27 34.04 -1.94
N VAL B 7 -7.29 33.24 -2.25
CA VAL B 7 -7.14 31.79 -2.41
C VAL B 7 -7.29 31.51 -3.91
N VAL B 8 -6.22 31.08 -4.55
CA VAL B 8 -6.23 30.82 -6.01
C VAL B 8 -6.45 29.32 -6.18
N GLY B 9 -7.54 28.94 -6.84
CA GLY B 9 -7.95 27.54 -6.85
C GLY B 9 -8.92 27.24 -5.72
N ALA B 10 -9.77 28.21 -5.37
CA ALA B 10 -10.67 28.11 -4.23
C ALA B 10 -11.73 27.00 -4.35
N THR B 11 -12.03 26.57 -5.58
CA THR B 11 -13.12 25.65 -5.84
C THR B 11 -12.70 24.17 -5.86
N GLY B 12 -11.40 23.91 -5.80
CA GLY B 12 -10.89 22.54 -5.95
C GLY B 12 -10.85 21.77 -4.63
N ALA B 13 -10.31 20.55 -4.66
CA ALA B 13 -10.21 19.71 -3.44
C ALA B 13 -9.36 20.39 -2.33
N VAL B 14 -8.19 20.87 -2.72
CA VAL B 14 -7.34 21.63 -1.77
C VAL B 14 -7.97 22.97 -1.39
N GLY B 15 -8.50 23.69 -2.38
CA GLY B 15 -9.14 24.99 -2.10
C GLY B 15 -10.21 24.95 -1.03
N ALA B 16 -11.06 23.92 -1.05
CA ALA B 16 -12.13 23.80 -0.06
C ALA B 16 -11.54 23.66 1.34
N GLN B 17 -10.42 22.96 1.44
CA GLN B 17 -9.70 22.85 2.72
C GLN B 17 -8.90 24.12 3.04
N MET B 18 -8.40 24.85 2.04
CA MET B 18 -7.78 26.14 2.29
CA MET B 18 -7.78 26.14 2.32
C MET B 18 -8.76 27.10 2.95
N ILE B 19 -9.99 27.11 2.42
CA ILE B 19 -11.09 27.88 3.02
C ILE B 19 -11.31 27.48 4.48
N LYS B 20 -11.46 26.17 4.74
CA LYS B 20 -11.71 25.69 6.08
C LYS B 20 -10.55 26.07 7.01
N MET B 21 -9.32 25.86 6.54
CA MET B 21 -8.15 26.17 7.38
C MET B 21 -8.06 27.68 7.68
N LEU B 22 -8.43 28.51 6.70
CA LEU B 22 -8.43 29.98 6.93
C LEU B 22 -9.56 30.40 7.86
N GLU B 23 -10.72 29.77 7.75
CA GLU B 23 -11.83 30.05 8.65
C GLU B 23 -11.44 29.75 10.11
N GLU B 24 -10.56 28.78 10.29
CA GLU B 24 -10.18 28.33 11.62
C GLU B 24 -8.83 28.91 12.05
N SER B 25 -8.30 29.83 11.25
CA SER B 25 -6.95 30.37 11.48
C SER B 25 -7.00 31.52 12.44
N THR B 26 -5.86 31.81 13.06
CA THR B 26 -5.73 33.03 13.85
C THR B 26 -5.36 34.26 12.99
N LEU B 27 -5.02 34.06 11.71
CA LEU B 27 -4.62 35.18 10.86
C LEU B 27 -5.64 36.32 10.89
N PRO B 28 -5.14 37.57 11.07
CA PRO B 28 -6.11 38.65 11.01
C PRO B 28 -6.45 38.95 9.55
N ILE B 29 -7.67 38.62 9.14
CA ILE B 29 -8.05 38.75 7.75
C ILE B 29 -9.12 39.83 7.65
N ASP B 30 -8.80 40.89 6.92
CA ASP B 30 -9.70 42.03 6.67
C ASP B 30 -10.54 41.80 5.41
N LYS B 31 -9.98 41.07 4.45
CA LYS B 31 -10.63 40.83 3.17
C LYS B 31 -10.22 39.47 2.60
N ILE B 32 -11.19 38.72 2.11
CA ILE B 32 -10.96 37.42 1.45
C ILE B 32 -11.38 37.53 -0.02
N ARG B 33 -10.52 37.03 -0.91
CA ARG B 33 -10.87 36.93 -2.33
C ARG B 33 -10.67 35.50 -2.79
N TYR B 34 -11.61 35.03 -3.61
CA TYR B 34 -11.55 33.67 -4.14
C TYR B 34 -11.33 33.73 -5.64
N LEU B 35 -10.27 33.07 -6.10
CA LEU B 35 -9.89 33.11 -7.51
C LEU B 35 -9.89 31.70 -8.03
N ALA B 36 -10.29 31.54 -9.29
CA ALA B 36 -10.23 30.22 -9.92
C ALA B 36 -10.14 30.44 -11.43
N SER B 37 -10.63 29.49 -12.22
CA SER B 37 -10.60 29.68 -13.68
C SER B 37 -11.83 30.43 -14.19
N ALA B 38 -11.81 30.73 -15.47
CA ALA B 38 -13.00 31.29 -16.12
C ALA B 38 -14.25 30.41 -15.90
N ARG B 39 -14.06 29.10 -15.70
CA ARG B 39 -15.20 28.16 -15.51
C ARG B 39 -16.02 28.46 -14.26
N SER B 40 -15.35 28.89 -13.19
CA SER B 40 -16.01 29.19 -11.93
C SER B 40 -16.28 30.68 -11.72
N ALA B 41 -15.72 31.54 -12.56
CA ALA B 41 -15.88 32.97 -12.38
C ALA B 41 -17.36 33.39 -12.34
N GLY B 42 -17.73 34.13 -11.30
CA GLY B 42 -19.10 34.61 -11.14
C GLY B 42 -19.95 33.77 -10.20
N LYS B 43 -19.49 32.56 -9.89
CA LYS B 43 -20.16 31.72 -8.90
C LYS B 43 -19.81 32.26 -7.50
N SER B 44 -20.50 31.74 -6.49
CA SER B 44 -20.33 32.20 -5.11
C SER B 44 -19.94 31.04 -4.21
N LEU B 45 -19.03 31.33 -3.26
CA LEU B 45 -18.65 30.40 -2.20
C LEU B 45 -18.62 31.16 -0.90
N LYS B 46 -18.95 30.46 0.18
CA LYS B 46 -18.94 31.07 1.50
C LYS B 46 -17.53 31.26 2.07
N PHE B 47 -17.32 32.35 2.79
CA PHE B 47 -16.27 32.42 3.82
C PHE B 47 -16.99 32.73 5.12
N LYS B 48 -17.02 31.75 6.03
CA LYS B 48 -17.92 31.77 7.19
C LYS B 48 -19.35 32.05 6.71
N ASP B 49 -19.95 33.16 7.14
CA ASP B 49 -21.31 33.52 6.71
C ASP B 49 -21.34 34.39 5.46
N GLN B 50 -20.17 34.85 5.01
CA GLN B 50 -20.09 35.80 3.91
C GLN B 50 -20.12 35.12 2.56
N ASP B 51 -20.84 35.73 1.62
CA ASP B 51 -20.82 35.28 0.24
C ASP B 51 -19.69 35.95 -0.53
N ILE B 52 -18.83 35.14 -1.14
CA ILE B 52 -17.69 35.65 -1.91
C ILE B 52 -17.86 35.28 -3.37
N THR B 53 -17.85 36.28 -4.26
CA THR B 53 -17.91 36.01 -5.69
C THR B 53 -16.56 35.57 -6.20
N ILE B 54 -16.51 34.41 -6.84
CA ILE B 54 -15.29 33.87 -7.43
C ILE B 54 -14.87 34.71 -8.65
N GLU B 55 -13.57 34.99 -8.75
CA GLU B 55 -13.01 35.78 -9.85
C GLU B 55 -12.11 34.94 -10.72
N GLU B 56 -12.10 35.19 -12.03
CA GLU B 56 -11.09 34.58 -12.90
C GLU B 56 -9.69 35.06 -12.50
N THR B 57 -8.75 34.12 -12.37
CA THR B 57 -7.37 34.46 -12.12
C THR B 57 -6.75 35.09 -13.35
N THR B 58 -6.17 36.28 -13.16
CA THR B 58 -5.49 36.99 -14.23
C THR B 58 -4.22 37.65 -13.69
N GLU B 59 -3.35 38.12 -14.59
CA GLU B 59 -2.13 38.83 -14.19
C GLU B 59 -2.36 40.12 -13.42
N THR B 60 -3.58 40.66 -13.51
CA THR B 60 -3.92 41.96 -12.91
C THR B 60 -4.82 41.80 -11.67
N ALA B 61 -4.97 40.56 -11.19
CA ALA B 61 -5.92 40.27 -10.12
C ALA B 61 -5.37 40.52 -8.72
N PHE B 62 -4.09 40.87 -8.58
CA PHE B 62 -3.46 40.80 -7.26
C PHE B 62 -3.22 42.13 -6.55
N GLU B 63 -3.68 43.24 -7.14
CA GLU B 63 -3.50 44.55 -6.50
C GLU B 63 -4.19 44.54 -5.13
N GLY B 64 -3.46 45.00 -4.11
CA GLY B 64 -3.96 45.09 -2.74
C GLY B 64 -3.94 43.81 -1.94
N VAL B 65 -3.47 42.72 -2.55
CA VAL B 65 -3.44 41.41 -1.88
C VAL B 65 -2.14 41.33 -1.07
N ASP B 66 -2.24 40.91 0.20
CA ASP B 66 -1.06 40.73 1.05
C ASP B 66 -0.48 39.31 0.94
N ILE B 67 -1.37 38.32 0.94
CA ILE B 67 -1.01 36.89 0.94
C ILE B 67 -1.89 36.19 -0.10
N ALA B 68 -1.27 35.42 -0.97
CA ALA B 68 -2.06 34.62 -1.92
C ALA B 68 -1.64 33.16 -1.72
N LEU B 69 -2.62 32.31 -1.53
CA LEU B 69 -2.41 30.88 -1.38
C LEU B 69 -2.78 30.22 -2.70
N PHE B 70 -1.82 29.63 -3.39
CA PHE B 70 -2.07 29.03 -4.72
C PHE B 70 -2.26 27.52 -4.61
N SER B 71 -3.40 26.99 -5.06
CA SER B 71 -3.53 25.57 -5.26
C SER B 71 -4.43 25.30 -6.48
N ALA B 72 -3.91 25.63 -7.64
CA ALA B 72 -4.69 25.62 -8.87
C ALA B 72 -3.90 24.98 -10.00
N GLY B 73 -2.90 24.17 -9.66
CA GLY B 73 -2.09 23.48 -10.67
C GLY B 73 -0.83 24.25 -11.02
N SER B 74 0.21 23.51 -11.39
CA SER B 74 1.50 24.08 -11.70
C SER B 74 1.47 25.18 -12.76
N SER B 75 0.70 25.00 -13.82
CA SER B 75 0.69 26.00 -14.90
C SER B 75 0.10 27.32 -14.40
N THR B 76 -0.88 27.25 -13.51
CA THR B 76 -1.48 28.46 -12.94
C THR B 76 -0.47 29.20 -12.07
N SER B 77 0.28 28.47 -11.26
CA SER B 77 1.32 29.13 -10.47
C SER B 77 2.42 29.73 -11.35
N ALA B 78 2.80 29.00 -12.38
CA ALA B 78 3.84 29.49 -13.29
C ALA B 78 3.39 30.77 -13.96
N LYS B 79 2.14 30.82 -14.39
CA LYS B 79 1.61 31.97 -15.10
C LYS B 79 1.38 33.19 -14.21
N TYR B 80 0.84 32.96 -13.01
CA TYR B 80 0.34 34.09 -12.21
C TYR B 80 1.10 34.42 -10.94
N ALA B 81 1.77 33.45 -10.31
CA ALA B 81 2.47 33.79 -9.06
C ALA B 81 3.54 34.88 -9.26
N PRO B 82 4.30 34.86 -10.38
CA PRO B 82 5.28 35.94 -10.56
C PRO B 82 4.64 37.33 -10.68
N TYR B 83 3.46 37.44 -11.29
CA TYR B 83 2.72 38.71 -11.29
C TYR B 83 2.25 39.14 -9.91
N ALA B 84 1.82 38.15 -9.11
CA ALA B 84 1.45 38.41 -7.73
C ALA B 84 2.66 38.96 -6.95
N VAL B 85 3.83 38.34 -7.12
CA VAL B 85 5.06 38.83 -6.47
C VAL B 85 5.38 40.25 -6.94
N LYS B 86 5.37 40.47 -8.26
CA LYS B 86 5.55 41.81 -8.80
C LYS B 86 4.61 42.84 -8.17
N ALA B 87 3.36 42.45 -7.89
CA ALA B 87 2.36 43.33 -7.28
C ALA B 87 2.57 43.59 -5.77
N GLY B 88 3.45 42.82 -5.16
CA GLY B 88 3.77 43.01 -3.72
C GLY B 88 3.22 41.93 -2.79
N VAL B 89 2.69 40.85 -3.37
CA VAL B 89 2.10 39.76 -2.59
C VAL B 89 3.20 38.86 -2.03
N VAL B 90 2.91 38.17 -0.93
CA VAL B 90 3.68 36.97 -0.58
C VAL B 90 2.83 35.74 -0.96
N VAL B 91 3.40 34.89 -1.81
CA VAL B 91 2.69 33.71 -2.32
C VAL B 91 3.13 32.46 -1.54
N VAL B 92 2.14 31.68 -1.10
CA VAL B 92 2.44 30.33 -0.58
C VAL B 92 1.87 29.39 -1.65
N ASP B 93 2.75 28.62 -2.28
CA ASP B 93 2.36 27.83 -3.45
C ASP B 93 2.30 26.35 -3.10
N ASN B 94 1.15 25.70 -3.31
CA ASN B 94 1.05 24.24 -3.11
C ASN B 94 1.57 23.41 -4.27
N THR B 95 1.88 24.04 -5.40
CA THR B 95 2.27 23.24 -6.57
C THR B 95 3.74 22.85 -6.57
N SER B 96 4.11 21.98 -7.51
CA SER B 96 5.49 21.57 -7.62
C SER B 96 6.38 22.59 -8.35
N TYR B 97 5.79 23.63 -8.94
CA TYR B 97 6.50 24.39 -9.95
C TYR B 97 7.79 25.06 -9.46
N PHE B 98 7.72 25.65 -8.27
CA PHE B 98 8.82 26.47 -7.75
C PHE B 98 9.63 25.74 -6.68
N ARG B 99 9.28 24.50 -6.38
CA ARG B 99 9.87 23.81 -5.22
C ARG B 99 11.37 23.70 -5.23
N GLN B 100 11.95 23.53 -6.42
CA GLN B 100 13.39 23.27 -6.51
C GLN B 100 14.17 24.50 -6.97
N ASN B 101 13.51 25.65 -6.92
CA ASN B 101 14.15 26.92 -7.26
C ASN B 101 14.96 27.40 -6.04
N PRO B 102 16.26 27.71 -6.22
CA PRO B 102 17.14 28.06 -5.08
C PRO B 102 16.74 29.37 -4.38
N ASP B 103 15.92 30.16 -5.04
CA ASP B 103 15.38 31.39 -4.49
C ASP B 103 14.06 31.20 -3.76
N VAL B 104 13.60 29.94 -3.63
CA VAL B 104 12.30 29.63 -3.03
C VAL B 104 12.45 28.68 -1.84
N PRO B 105 12.09 29.15 -0.62
CA PRO B 105 12.07 28.23 0.52
C PRO B 105 11.03 27.12 0.31
N LEU B 106 11.42 25.89 0.62
CA LEU B 106 10.52 24.73 0.53
C LEU B 106 10.25 24.25 1.94
N VAL B 107 9.11 24.66 2.50
CA VAL B 107 8.96 24.67 3.97
C VAL B 107 7.91 23.76 4.58
N VAL B 108 8.33 23.03 5.63
CA VAL B 108 7.43 22.38 6.60
C VAL B 108 7.77 23.14 7.89
N PRO B 109 6.83 23.94 8.43
CA PRO B 109 7.18 24.88 9.52
C PRO B 109 7.86 24.23 10.73
N GLU B 110 7.51 23.00 11.06
CA GLU B 110 8.14 22.31 12.22
C GLU B 110 9.60 21.92 11.96
N VAL B 111 9.96 21.82 10.68
CA VAL B 111 11.27 21.34 10.28
C VAL B 111 12.24 22.45 9.90
N ASN B 112 11.81 23.35 9.01
CA ASN B 112 12.73 24.36 8.47
C ASN B 112 12.10 25.75 8.34
N ALA B 113 11.37 26.15 9.39
CA ALA B 113 10.79 27.51 9.43
C ALA B 113 11.86 28.60 9.23
N HIS B 114 13.09 28.33 9.64
CA HIS B 114 14.21 29.26 9.46
C HIS B 114 14.38 29.72 8.00
N ALA B 115 14.07 28.81 7.06
CA ALA B 115 14.21 29.11 5.65
C ALA B 115 13.26 30.20 5.18
N LEU B 116 12.21 30.47 5.94
CA LEU B 116 11.26 31.51 5.56
C LEU B 116 11.86 32.93 5.59
N ASP B 117 12.82 33.17 6.47
CA ASP B 117 13.33 34.52 6.66
C ASP B 117 13.89 35.18 5.40
N ALA B 118 14.48 34.37 4.52
CA ALA B 118 15.12 34.89 3.31
C ALA B 118 14.25 34.72 2.07
N HIS B 119 12.94 34.61 2.27
CA HIS B 119 12.05 34.45 1.12
C HIS B 119 12.06 35.64 0.18
N ASN B 120 11.74 35.36 -1.08
CA ASN B 120 11.73 36.37 -2.14
C ASN B 120 10.33 36.48 -2.73
N GLY B 121 9.31 36.20 -1.94
CA GLY B 121 7.93 36.43 -2.36
C GLY B 121 7.17 35.15 -2.66
N ILE B 122 7.88 34.04 -2.82
CA ILE B 122 7.23 32.73 -3.00
C ILE B 122 7.78 31.72 -2.01
N ILE B 123 6.88 31.12 -1.26
CA ILE B 123 7.24 30.01 -0.38
C ILE B 123 6.49 28.81 -0.93
N ALA B 124 7.21 27.72 -1.17
CA ALA B 124 6.55 26.50 -1.69
C ALA B 124 6.27 25.51 -0.58
N CYS B 125 5.07 24.96 -0.63
CA CYS B 125 4.67 23.79 0.13
CA CYS B 125 4.76 23.76 0.15
C CYS B 125 5.26 22.56 -0.58
N PRO B 126 5.84 21.58 0.17
CA PRO B 126 6.26 20.37 -0.54
C PRO B 126 5.07 19.49 -0.92
N ASN B 127 5.41 18.41 -1.62
CA ASN B 127 4.49 17.36 -1.96
C ASN B 127 3.87 16.78 -0.68
N CYS B 128 2.58 16.41 -0.73
CA CYS B 128 1.87 15.91 0.45
C CYS B 128 2.54 14.69 1.08
N SER B 129 2.95 13.75 0.23
CA SER B 129 3.60 12.55 0.75
C SER B 129 4.92 12.88 1.44
N THR B 130 5.63 13.89 0.91
CA THR B 130 6.90 14.32 1.52
C THR B 130 6.68 14.98 2.86
N ILE B 131 5.66 15.83 2.94
CA ILE B 131 5.44 16.60 4.19
C ILE B 131 5.27 15.68 5.40
N GLN B 132 4.36 14.72 5.32
CA GLN B 132 4.11 13.88 6.48
C GLN B 132 5.33 13.06 6.85
N MET B 133 6.10 12.61 5.85
CA MET B 133 7.33 11.88 6.11
C MET B 133 8.36 12.75 6.88
N MET B 134 8.41 14.03 6.52
CA MET B 134 9.33 14.98 7.17
C MET B 134 8.94 15.23 8.63
N VAL B 135 7.64 15.34 8.90
CA VAL B 135 7.18 15.48 10.29
C VAL B 135 7.61 14.25 11.12
N ALA B 136 7.47 13.05 10.57
CA ALA B 136 7.79 11.85 11.32
C ALA B 136 9.29 11.72 11.54
N LEU B 137 10.07 12.08 10.53
CA LEU B 137 11.50 11.72 10.53
C LEU B 137 12.42 12.80 11.09
N GLU B 138 12.01 14.05 11.02
CA GLU B 138 12.87 15.12 11.57
C GLU B 138 13.30 14.91 13.04
N PRO B 139 12.36 14.52 13.94
CA PRO B 139 12.82 14.32 15.33
C PRO B 139 13.84 13.20 15.45
N VAL B 140 13.77 12.23 14.54
CA VAL B 140 14.75 11.13 14.53
C VAL B 140 16.08 11.61 14.00
N ARG B 141 16.04 12.36 12.89
CA ARG B 141 17.26 12.90 12.29
C ARG B 141 18.02 13.77 13.30
N GLN B 142 17.29 14.56 14.06
CA GLN B 142 17.93 15.50 14.99
C GLN B 142 18.79 14.79 16.03
N LYS B 143 18.36 13.60 16.44
CA LYS B 143 19.02 12.87 17.55
C LYS B 143 19.97 11.78 17.10
N TRP B 144 19.66 11.12 15.98
CA TRP B 144 20.46 9.97 15.54
C TRP B 144 20.92 10.00 14.09
N GLY B 145 20.52 11.05 13.34
CA GLY B 145 20.92 11.21 11.95
C GLY B 145 20.09 10.34 11.03
N LEU B 146 20.18 10.61 9.74
CA LEU B 146 19.53 9.76 8.70
C LEU B 146 20.53 9.49 7.59
N ASP B 147 20.75 8.20 7.31
CA ASP B 147 21.62 7.78 6.21
C ASP B 147 20.79 7.47 4.95
N ARG B 148 19.71 6.72 5.11
CA ARG B 148 18.85 6.44 3.96
C ARG B 148 17.40 6.26 4.38
N ILE B 149 16.53 6.39 3.38
CA ILE B 149 15.09 6.18 3.51
C ILE B 149 14.63 5.33 2.33
N ILE B 150 13.83 4.31 2.59
CA ILE B 150 13.07 3.61 1.53
C ILE B 150 11.62 3.72 1.96
N VAL B 151 10.77 4.21 1.06
CA VAL B 151 9.39 4.41 1.41
C VAL B 151 8.46 3.83 0.34
N SER B 152 7.42 3.14 0.78
CA SER B 152 6.34 2.68 -0.12
C SER B 152 5.07 3.37 0.36
N THR B 153 4.37 4.06 -0.54
CA THR B 153 3.23 4.85 -0.12
C THR B 153 1.89 4.18 -0.45
N TYR B 154 0.84 4.65 0.21
CA TYR B 154 -0.51 4.12 0.10
C TYR B 154 -1.36 5.38 0.00
N GLN B 155 -1.45 5.94 -1.21
CA GLN B 155 -1.97 7.29 -1.36
C GLN B 155 -3.43 7.37 -1.74
N ALA B 156 -4.11 8.33 -1.12
CA ALA B 156 -5.54 8.61 -1.34
C ALA B 156 -5.76 9.33 -2.65
N VAL B 157 -6.96 9.14 -3.19
CA VAL B 157 -7.28 9.70 -4.51
C VAL B 157 -7.53 11.21 -4.50
N SER B 158 -7.88 11.79 -3.35
CA SER B 158 -8.10 13.26 -3.31
C SER B 158 -6.83 14.04 -3.68
N GLY B 159 -5.68 13.36 -3.54
CA GLY B 159 -4.40 13.81 -4.05
C GLY B 159 -4.40 14.23 -5.50
N ALA B 160 -5.29 13.63 -6.29
CA ALA B 160 -5.38 13.88 -7.74
C ALA B 160 -6.51 14.83 -8.07
N GLY B 161 -7.14 15.42 -7.06
CA GLY B 161 -8.20 16.41 -7.28
C GLY B 161 -9.64 15.94 -7.17
N MET B 162 -10.57 16.89 -7.23
CA MET B 162 -11.99 16.57 -7.03
CA MET B 162 -12.01 16.61 -7.08
C MET B 162 -12.51 15.56 -8.07
N GLY B 163 -12.06 15.70 -9.31
CA GLY B 163 -12.48 14.80 -10.39
C GLY B 163 -12.13 13.36 -10.07
N ALA B 164 -10.94 13.16 -9.50
CA ALA B 164 -10.48 11.82 -9.10
C ALA B 164 -11.29 11.24 -7.95
N ILE B 165 -11.71 12.08 -6.99
CA ILE B 165 -12.60 11.61 -5.92
C ILE B 165 -13.91 11.11 -6.52
N LEU B 166 -14.49 11.93 -7.40
CA LEU B 166 -15.75 11.58 -8.02
C LEU B 166 -15.65 10.30 -8.85
N GLU B 167 -14.55 10.14 -9.59
CA GLU B 167 -14.30 8.92 -10.38
C GLU B 167 -14.26 7.70 -9.49
N THR B 168 -13.57 7.82 -8.35
CA THR B 168 -13.44 6.68 -7.44
C THR B 168 -14.80 6.28 -6.84
N GLN B 169 -15.56 7.28 -6.41
CA GLN B 169 -16.88 7.04 -5.84
C GLN B 169 -17.80 6.38 -6.86
N ARG B 170 -17.76 6.89 -8.08
CA ARG B 170 -18.60 6.36 -9.17
C ARG B 170 -18.25 4.91 -9.45
N GLU B 171 -16.95 4.63 -9.61
CA GLU B 171 -16.46 3.26 -9.88
C GLU B 171 -16.90 2.30 -8.81
N LEU B 172 -16.70 2.66 -7.54
CA LEU B 172 -17.10 1.80 -6.43
C LEU B 172 -18.60 1.50 -6.41
N ARG B 173 -19.40 2.53 -6.73
CA ARG B 173 -20.86 2.35 -6.77
C ARG B 173 -21.25 1.40 -7.91
N GLU B 174 -20.57 1.52 -9.05
CA GLU B 174 -20.87 0.63 -10.18
C GLU B 174 -20.58 -0.82 -9.82
N VAL B 175 -19.46 -1.05 -9.16
CA VAL B 175 -19.15 -2.41 -8.69
C VAL B 175 -20.12 -2.94 -7.62
N LEU B 176 -20.35 -2.14 -6.58
CA LEU B 176 -21.03 -2.61 -5.39
C LEU B 176 -22.55 -2.61 -5.49
N ASN B 177 -23.07 -1.73 -6.34
CA ASN B 177 -24.51 -1.58 -6.47
C ASN B 177 -25.03 -2.16 -7.78
N ASP B 178 -24.21 -2.06 -8.83
CA ASP B 178 -24.62 -2.53 -10.17
C ASP B 178 -24.00 -3.88 -10.59
N GLY B 179 -22.98 -4.33 -9.88
CA GLY B 179 -22.35 -5.62 -10.20
C GLY B 179 -21.36 -5.60 -11.36
N VAL B 180 -20.88 -4.41 -11.71
CA VAL B 180 -19.84 -4.27 -12.74
C VAL B 180 -18.52 -4.89 -12.25
N LYS B 181 -17.81 -5.58 -13.14
CA LYS B 181 -16.49 -6.13 -12.80
C LYS B 181 -15.45 -5.02 -12.78
N PRO B 182 -14.57 -4.99 -11.77
CA PRO B 182 -13.60 -3.89 -11.76
C PRO B 182 -12.82 -3.71 -13.08
N CYS B 183 -12.45 -4.81 -13.76
CA CYS B 183 -11.78 -4.75 -15.07
CA CYS B 183 -11.72 -4.66 -15.03
C CYS B 183 -12.58 -4.11 -16.19
N ASP B 184 -13.89 -4.09 -16.03
CA ASP B 184 -14.79 -3.55 -17.06
C ASP B 184 -15.11 -2.07 -16.82
N LEU B 185 -14.59 -1.51 -15.74
CA LEU B 185 -14.81 -0.10 -15.44
C LEU B 185 -14.08 0.79 -16.44
N HIS B 186 -14.69 1.92 -16.72
CA HIS B 186 -14.11 2.91 -17.60
C HIS B 186 -13.57 4.03 -16.71
N ALA B 187 -12.31 4.37 -16.91
CA ALA B 187 -11.72 5.47 -16.14
C ALA B 187 -11.28 6.57 -17.06
N GLU B 188 -11.32 7.82 -16.56
CA GLU B 188 -10.94 9.00 -17.34
C GLU B 188 -9.75 9.77 -16.75
N ILE B 189 -9.50 9.61 -15.45
CA ILE B 189 -8.50 10.44 -14.76
C ILE B 189 -7.31 9.63 -14.22
N LEU B 190 -7.57 8.76 -13.26
CA LEU B 190 -6.47 8.00 -12.63
C LEU B 190 -5.85 7.01 -13.61
N PRO B 191 -4.56 6.68 -13.44
CA PRO B 191 -3.66 7.13 -12.34
C PRO B 191 -3.25 8.60 -12.44
N SER B 192 -3.19 9.14 -13.66
CA SER B 192 -2.67 10.49 -13.87
C SER B 192 -3.44 11.20 -14.96
N GLY B 193 -4.09 12.30 -14.59
CA GLY B 193 -4.99 13.01 -15.49
C GLY B 193 -4.34 13.35 -16.81
N GLY B 194 -3.08 13.75 -16.75
CA GLY B 194 -2.35 14.20 -17.95
C GLY B 194 -1.78 13.11 -18.84
N ASP B 195 -1.59 11.90 -18.29
CA ASP B 195 -0.97 10.80 -19.03
C ASP B 195 -1.94 10.20 -20.04
N LYS B 196 -1.44 9.27 -20.83
CA LYS B 196 -2.12 8.80 -22.04
C LYS B 196 -3.21 7.77 -21.79
N LYS B 197 -3.04 6.94 -20.76
CA LYS B 197 -3.95 5.83 -20.48
C LYS B 197 -4.48 5.96 -19.06
N HIS B 198 -5.74 5.55 -18.86
CA HIS B 198 -6.42 5.61 -17.57
C HIS B 198 -6.94 4.24 -17.12
N TYR B 199 -6.80 3.97 -15.83
CA TYR B 199 -7.12 2.67 -15.27
C TYR B 199 -8.06 2.82 -14.08
N PRO B 200 -8.90 1.81 -13.82
CA PRO B 200 -9.79 1.85 -12.64
C PRO B 200 -8.97 1.80 -11.36
N ILE B 201 -9.44 2.52 -10.35
CA ILE B 201 -8.85 2.47 -9.01
C ILE B 201 -9.64 1.58 -8.06
N ALA B 202 -10.94 1.39 -8.32
CA ALA B 202 -11.82 0.60 -7.47
C ALA B 202 -11.25 -0.80 -7.32
N PHE B 203 -11.05 -1.21 -6.07
CA PHE B 203 -10.55 -2.57 -5.75
C PHE B 203 -9.19 -2.85 -6.41
N ASN B 204 -8.38 -1.80 -6.55
CA ASN B 204 -7.11 -1.91 -7.25
C ASN B 204 -6.02 -1.17 -6.49
N ALA B 205 -4.78 -1.36 -6.91
CA ALA B 205 -3.67 -0.60 -6.38
C ALA B 205 -2.80 -0.22 -7.56
N LEU B 206 -2.68 1.09 -7.81
CA LEU B 206 -1.97 1.52 -9.01
C LEU B 206 -0.60 2.10 -8.67
N PRO B 207 0.48 1.41 -9.08
CA PRO B 207 1.86 1.84 -8.78
C PRO B 207 2.34 2.93 -9.75
N GLN B 208 1.50 3.95 -9.92
CA GLN B 208 1.85 5.11 -10.70
C GLN B 208 1.13 6.33 -10.11
N ILE B 209 1.92 7.28 -9.66
CA ILE B 209 1.44 8.62 -9.29
C ILE B 209 2.26 9.64 -10.06
N ASP B 210 1.56 10.55 -10.73
CA ASP B 210 2.17 11.46 -11.71
C ASP B 210 2.69 10.66 -12.91
N VAL B 211 3.49 11.29 -13.77
CA VAL B 211 3.99 10.64 -14.96
C VAL B 211 5.38 10.06 -14.75
N PHE B 212 5.81 9.20 -15.64
CA PHE B 212 7.15 8.63 -15.52
C PHE B 212 8.25 9.59 -15.94
N THR B 213 9.37 9.53 -15.23
CA THR B 213 10.58 10.26 -15.62
C THR B 213 11.52 9.34 -16.35
N ASP B 214 12.64 9.90 -16.83
CA ASP B 214 13.57 9.13 -17.67
C ASP B 214 14.40 8.06 -16.94
N ASN B 215 14.31 8.01 -15.60
CA ASN B 215 14.97 6.94 -14.84
C ASN B 215 14.01 5.83 -14.37
N ASP B 216 12.80 5.84 -14.92
CA ASP B 216 11.76 4.83 -14.62
C ASP B 216 11.11 4.95 -13.23
N TYR B 217 11.53 5.93 -12.45
CA TYR B 217 10.75 6.37 -11.28
C TYR B 217 9.76 7.41 -11.76
N THR B 218 8.61 7.49 -11.12
CA THR B 218 7.64 8.56 -11.45
C THR B 218 8.08 9.91 -10.84
N TYR B 219 7.44 10.97 -11.30
CA TYR B 219 7.73 12.29 -10.75
C TYR B 219 7.39 12.37 -9.27
N GLU B 220 6.36 11.64 -8.84
CA GLU B 220 5.99 11.64 -7.42
C GLU B 220 7.12 11.05 -6.60
N GLU B 221 7.63 9.90 -7.04
CA GLU B 221 8.75 9.25 -6.35
C GLU B 221 9.98 10.16 -6.31
N MET B 222 10.29 10.81 -7.43
CA MET B 222 11.48 11.67 -7.48
C MET B 222 11.31 12.95 -6.68
N LYS B 223 10.08 13.45 -6.57
CA LYS B 223 9.79 14.58 -5.69
C LYS B 223 10.08 14.20 -4.24
N MET B 224 9.63 13.02 -3.82
CA MET B 224 9.97 12.59 -2.44
C MET B 224 11.49 12.63 -2.20
N THR B 225 12.24 12.14 -3.17
CA THR B 225 13.70 12.13 -3.09
C THR B 225 14.28 13.54 -3.01
N LYS B 226 13.92 14.39 -3.98
CA LYS B 226 14.55 15.71 -4.09
C LYS B 226 14.07 16.67 -3.02
N GLU B 227 12.79 16.57 -2.67
CA GLU B 227 12.21 17.49 -1.67
C GLU B 227 12.78 17.18 -0.28
N THR B 228 12.96 15.89 0.02
CA THR B 228 13.56 15.48 1.32
C THR B 228 14.95 16.12 1.47
N LYS B 229 15.76 16.01 0.41
CA LYS B 229 17.12 16.53 0.44
C LYS B 229 17.14 18.04 0.67
N LYS B 230 16.20 18.77 0.05
CA LYS B 230 16.16 20.21 0.20
C LYS B 230 15.63 20.61 1.58
N ILE B 231 14.57 19.95 2.03
CA ILE B 231 13.92 20.32 3.31
C ILE B 231 14.87 20.05 4.48
N MET B 232 15.54 18.92 4.44
CA MET B 232 16.48 18.57 5.50
C MET B 232 17.88 19.11 5.28
N GLU B 233 18.08 19.83 4.18
CA GLU B 233 19.35 20.48 3.87
C GLU B 233 20.51 19.49 3.95
N ASP B 234 20.32 18.35 3.30
CA ASP B 234 21.33 17.30 3.30
C ASP B 234 21.16 16.43 2.05
N ASP B 235 21.97 16.74 1.04
CA ASP B 235 21.97 15.99 -0.21
C ASP B 235 22.50 14.59 -0.07
N SER B 236 23.11 14.27 1.06
CA SER B 236 23.71 12.96 1.27
C SER B 236 22.70 11.89 1.74
N ILE B 237 21.49 12.31 2.10
CA ILE B 237 20.47 11.35 2.53
C ILE B 237 19.98 10.59 1.29
N ALA B 238 20.18 9.27 1.29
CA ALA B 238 19.71 8.43 0.18
C ALA B 238 18.22 8.21 0.34
N VAL B 239 17.44 8.50 -0.71
CA VAL B 239 15.99 8.30 -0.64
C VAL B 239 15.52 7.65 -1.94
N SER B 240 14.84 6.52 -1.82
CA SER B 240 14.11 5.92 -2.97
C SER B 240 12.70 5.58 -2.54
N ALA B 241 11.76 5.80 -3.45
CA ALA B 241 10.35 5.68 -3.15
C ALA B 241 9.62 4.85 -4.20
N THR B 242 8.56 4.20 -3.72
CA THR B 242 7.52 3.61 -4.59
C THR B 242 6.19 4.22 -4.18
N CYS B 243 5.54 4.89 -5.13
CA CYS B 243 4.31 5.60 -4.81
C CYS B 243 3.10 4.95 -5.46
N VAL B 244 2.16 4.54 -4.64
CA VAL B 244 1.02 3.72 -5.09
C VAL B 244 -0.30 4.38 -4.69
N ARG B 245 -1.23 4.46 -5.63
CA ARG B 245 -2.58 4.93 -5.32
C ARG B 245 -3.44 3.74 -4.90
N ILE B 246 -4.20 3.91 -3.81
CA ILE B 246 -5.13 2.87 -3.34
C ILE B 246 -6.54 3.46 -3.20
N PRO B 247 -7.58 2.60 -2.99
CA PRO B 247 -8.97 3.11 -2.92
C PRO B 247 -9.32 3.72 -1.54
N VAL B 248 -8.72 4.88 -1.30
CA VAL B 248 -8.96 5.71 -0.11
C VAL B 248 -9.25 7.11 -0.64
N LEU B 249 -10.26 7.79 -0.10
CA LEU B 249 -10.53 9.14 -0.58
C LEU B 249 -9.58 10.17 0.01
N SER B 250 -9.39 10.13 1.32
CA SER B 250 -8.50 11.06 2.01
C SER B 250 -7.61 10.35 3.04
N ALA B 251 -6.40 10.91 3.15
CA ALA B 251 -5.31 10.55 4.09
C ALA B 251 -4.35 9.54 3.45
N HIS B 252 -3.08 9.95 3.35
CA HIS B 252 -2.02 9.09 2.81
C HIS B 252 -1.41 8.29 3.94
N SER B 253 -1.04 7.06 3.63
CA SER B 253 -0.28 6.25 4.58
C SER B 253 1.06 5.87 3.94
N GLU B 254 2.06 5.66 4.78
CA GLU B 254 3.38 5.33 4.25
C GLU B 254 4.07 4.28 5.11
N SER B 255 4.63 3.28 4.45
CA SER B 255 5.53 2.34 5.12
C SER B 255 6.94 2.88 4.91
N VAL B 256 7.57 3.33 6.00
CA VAL B 256 8.82 4.05 5.93
C VAL B 256 9.92 3.23 6.58
N TYR B 257 10.98 2.97 5.84
CA TYR B 257 12.19 2.35 6.42
C TYR B 257 13.31 3.36 6.41
N ILE B 258 14.04 3.47 7.52
CA ILE B 258 15.18 4.34 7.57
C ILE B 258 16.37 3.57 8.11
N GLU B 259 17.56 4.03 7.76
CA GLU B 259 18.76 3.70 8.56
C GLU B 259 19.30 4.97 9.14
N THR B 260 19.52 4.97 10.46
CA THR B 260 20.05 6.17 11.13
C THR B 260 21.59 6.15 11.09
N LYS B 261 22.22 7.27 11.49
CA LYS B 261 23.68 7.31 11.57
C LYS B 261 24.18 6.65 12.84
N GLU B 262 23.46 6.85 13.95
CA GLU B 262 23.78 6.23 15.23
C GLU B 262 22.61 5.33 15.60
N VAL B 263 22.86 4.26 16.35
CA VAL B 263 21.79 3.39 16.80
C VAL B 263 20.75 4.18 17.63
N ALA B 264 19.48 4.04 17.23
CA ALA B 264 18.40 4.77 17.87
C ALA B 264 17.49 3.81 18.57
N PRO B 265 17.60 3.71 19.93
CA PRO B 265 16.76 2.79 20.67
C PRO B 265 15.29 3.08 20.40
N ILE B 266 14.53 2.05 20.09
CA ILE B 266 13.13 2.24 19.68
C ILE B 266 12.31 2.98 20.73
N GLU B 267 12.51 2.70 22.02
CA GLU B 267 11.72 3.42 23.00
C GLU B 267 12.04 4.91 23.01
N GLU B 268 13.29 5.27 22.68
CA GLU B 268 13.68 6.67 22.61
C GLU B 268 13.14 7.32 21.34
N VAL B 269 13.15 6.55 20.25
CA VAL B 269 12.55 7.01 18.99
C VAL B 269 11.08 7.37 19.18
N LYS B 270 10.31 6.50 19.84
CA LYS B 270 8.89 6.74 20.15
C LYS B 270 8.75 8.04 20.93
N ALA B 271 9.54 8.16 21.98
CA ALA B 271 9.53 9.40 22.78
C ALA B 271 9.86 10.65 21.98
N ALA B 272 10.84 10.57 21.08
CA ALA B 272 11.28 11.74 20.29
C ALA B 272 10.18 12.20 19.34
N ILE B 273 9.48 11.23 18.77
CA ILE B 273 8.40 11.55 17.83
C ILE B 273 7.21 12.12 18.61
N ALA B 274 6.86 11.49 19.73
CA ALA B 274 5.79 11.98 20.59
C ALA B 274 6.01 13.46 20.95
N ALA B 275 7.27 13.81 21.20
CA ALA B 275 7.65 15.15 21.66
C ALA B 275 7.74 16.19 20.55
N PHE B 276 7.60 15.76 19.30
CA PHE B 276 7.87 16.65 18.17
C PHE B 276 6.59 17.36 17.73
N PRO B 277 6.62 18.70 17.61
CA PRO B 277 5.36 19.38 17.24
C PRO B 277 4.81 18.88 15.89
N GLY B 278 3.49 18.65 15.83
CA GLY B 278 2.83 18.23 14.60
C GLY B 278 2.82 16.71 14.42
N ALA B 279 3.60 15.99 15.24
CA ALA B 279 3.62 14.52 15.19
C ALA B 279 2.92 13.97 16.42
N VAL B 280 2.12 12.92 16.24
CA VAL B 280 1.47 12.25 17.37
C VAL B 280 1.80 10.77 17.32
N LEU B 281 2.30 10.25 18.44
CA LEU B 281 2.59 8.82 18.54
C LEU B 281 1.30 8.05 18.76
N GLU B 282 0.97 7.14 17.83
CA GLU B 282 -0.13 6.19 18.01
C GLU B 282 0.46 4.83 17.84
N ASP B 283 0.95 4.26 18.94
CA ASP B 283 1.77 3.05 18.86
C ASP B 283 1.63 2.29 20.17
N ASP B 284 0.71 1.33 20.17
CA ASP B 284 0.49 0.47 21.35
C ASP B 284 -0.06 -0.82 20.78
N VAL B 285 0.87 -1.68 20.34
CA VAL B 285 0.45 -2.91 19.64
C VAL B 285 -0.33 -3.89 20.52
N ALA B 286 -0.07 -3.87 21.84
CA ALA B 286 -0.85 -4.71 22.78
C ALA B 286 -2.34 -4.41 22.68
N HIS B 287 -2.69 -3.19 22.24
CA HIS B 287 -4.09 -2.82 22.10
C HIS B 287 -4.40 -2.48 20.66
N GLN B 288 -3.58 -3.01 19.76
CA GLN B 288 -3.77 -2.83 18.31
C GLN B 288 -3.94 -1.34 17.94
N ILE B 289 -3.13 -0.49 18.55
CA ILE B 289 -3.13 0.95 18.24
C ILE B 289 -2.00 1.30 17.25
N TYR B 290 -2.40 1.84 16.09
CA TYR B 290 -1.48 2.31 15.08
C TYR B 290 -2.20 3.38 14.27
N PRO B 291 -1.47 4.23 13.55
CA PRO B 291 -2.17 5.18 12.66
C PRO B 291 -3.08 4.51 11.63
N GLN B 292 -4.21 5.17 11.34
CA GLN B 292 -5.16 4.70 10.34
C GLN B 292 -5.66 5.89 9.56
N ALA B 293 -5.67 5.75 8.23
CA ALA B 293 -6.18 6.79 7.35
C ALA B 293 -7.53 7.33 7.81
N ILE B 294 -8.47 6.43 8.12
CA ILE B 294 -9.84 6.90 8.45
C ILE B 294 -9.87 7.71 9.75
N ASN B 295 -8.90 7.49 10.63
CA ASN B 295 -8.81 8.25 11.88
C ASN B 295 -8.11 9.60 11.71
N ALA B 296 -7.21 9.68 10.73
CA ALA B 296 -6.38 10.87 10.48
C ALA B 296 -7.20 11.94 9.76
N VAL B 297 -8.22 11.53 9.02
CA VAL B 297 -9.00 12.50 8.24
C VAL B 297 -9.54 13.57 9.16
N GLY B 298 -9.32 14.83 8.76
CA GLY B 298 -9.86 15.98 9.50
C GLY B 298 -8.92 16.53 10.54
N SER B 299 -7.80 15.86 10.78
CA SER B 299 -6.79 16.31 11.76
C SER B 299 -5.56 16.90 11.09
N ARG B 300 -5.05 18.01 11.67
CA ARG B 300 -3.78 18.61 11.20
C ARG B 300 -2.54 17.85 11.60
N ASP B 301 -2.69 16.90 12.51
CA ASP B 301 -1.54 16.16 13.02
C ASP B 301 -1.09 15.04 12.05
N THR B 302 0.14 14.60 12.23
CA THR B 302 0.73 13.47 11.51
C THR B 302 0.88 12.34 12.52
N PHE B 303 0.35 11.16 12.20
CA PHE B 303 0.32 10.05 13.13
C PHE B 303 1.37 8.98 12.79
N VAL B 304 2.10 8.53 13.81
CA VAL B 304 3.21 7.59 13.61
C VAL B 304 3.10 6.38 14.54
N GLY B 305 3.23 5.19 13.98
CA GLY B 305 3.23 3.96 14.79
C GLY B 305 3.92 2.82 14.05
N ARG B 306 3.59 1.59 14.46
CA ARG B 306 4.30 0.36 14.03
C ARG B 306 5.82 0.54 14.12
N ILE B 307 6.32 1.31 15.09
CA ILE B 307 7.76 1.61 15.09
C ILE B 307 8.51 0.40 15.66
N ARG B 308 9.46 -0.09 14.88
CA ARG B 308 10.20 -1.29 15.27
C ARG B 308 11.55 -1.36 14.54
N LYS B 309 12.54 -1.99 15.17
CA LYS B 309 13.82 -2.12 14.51
C LYS B 309 13.77 -3.17 13.42
N ASP B 310 14.58 -2.99 12.41
CA ASP B 310 14.77 -4.01 11.37
C ASP B 310 15.22 -5.31 12.02
N LEU B 311 14.85 -6.45 11.43
CA LEU B 311 15.24 -7.75 11.98
C LEU B 311 16.73 -8.05 11.82
N ASP B 312 17.43 -7.30 10.99
CA ASP B 312 18.86 -7.59 10.69
C ASP B 312 19.81 -6.39 10.70
N ALA B 313 19.38 -5.27 10.11
CA ALA B 313 20.23 -4.10 10.01
C ALA B 313 20.19 -3.36 11.34
N GLU B 314 21.36 -3.26 11.99
CA GLU B 314 21.47 -2.67 13.33
C GLU B 314 20.84 -1.29 13.45
N LYS B 315 21.00 -0.46 12.42
CA LYS B 315 20.51 0.93 12.45
C LYS B 315 19.21 1.11 11.66
N GLY B 316 18.61 0.01 11.26
CA GLY B 316 17.36 0.07 10.47
C GLY B 316 16.14 0.15 11.36
N ILE B 317 15.15 0.95 10.96
CA ILE B 317 13.91 1.11 11.70
C ILE B 317 12.78 1.21 10.66
N HIS B 318 11.67 0.54 10.96
CA HIS B 318 10.45 0.60 10.17
C HIS B 318 9.36 1.33 10.93
N MET B 319 8.49 2.03 10.19
CA MET B 319 7.36 2.68 10.83
C MET B 319 6.25 2.92 9.82
N TRP B 320 5.13 3.38 10.33
CA TRP B 320 3.89 3.61 9.54
C TRP B 320 3.49 5.05 9.85
N VAL B 321 3.32 5.85 8.79
CA VAL B 321 3.08 7.30 8.94
C VAL B 321 1.83 7.66 8.17
N VAL B 322 0.89 8.35 8.83
CA VAL B 322 -0.41 8.70 8.19
C VAL B 322 -0.76 10.17 8.45
N SER B 323 -1.20 10.88 7.40
CA SER B 323 -1.75 12.24 7.63
C SER B 323 -2.77 12.52 6.55
N ASP B 324 -3.70 13.42 6.87
CA ASP B 324 -4.70 13.92 5.88
C ASP B 324 -3.95 14.71 4.79
N ASN B 325 -3.96 14.18 3.57
CA ASN B 325 -3.17 14.80 2.49
C ASN B 325 -3.66 16.18 2.04
N LEU B 326 -4.90 16.53 2.41
CA LEU B 326 -5.46 17.84 2.07
C LEU B 326 -5.21 18.83 3.19
N LEU B 327 -4.87 18.32 4.38
CA LEU B 327 -4.59 19.21 5.51
C LEU B 327 -3.09 19.40 5.69
N LYS B 328 -2.41 18.61 6.54
CA LYS B 328 -0.96 18.77 6.61
C LYS B 328 -0.28 18.60 5.25
N GLY B 329 -0.84 17.75 4.39
CA GLY B 329 -0.25 17.55 3.08
C GLY B 329 -0.47 18.71 2.12
N ALA B 330 -1.33 19.66 2.48
CA ALA B 330 -1.61 20.75 1.56
C ALA B 330 -2.08 22.04 2.24
N ALA B 331 -3.39 22.13 2.50
CA ALA B 331 -4.01 23.40 2.96
C ALA B 331 -3.56 23.82 4.35
N TRP B 332 -3.44 22.85 5.26
CA TRP B 332 -2.95 23.20 6.59
C TRP B 332 -1.48 23.57 6.56
N ASN B 333 -0.63 22.83 5.83
CA ASN B 333 0.75 23.28 5.72
C ASN B 333 0.84 24.73 5.18
N SER B 334 -0.01 25.06 4.20
CA SER B 334 -0.02 26.39 3.60
C SER B 334 -0.45 27.48 4.61
N VAL B 335 -1.57 27.23 5.30
CA VAL B 335 -2.06 28.21 6.31
C VAL B 335 -1.07 28.34 7.48
N GLN B 336 -0.50 27.22 7.89
CA GLN B 336 0.54 27.25 8.93
C GLN B 336 1.76 28.10 8.50
N ILE B 337 2.18 27.95 7.25
CA ILE B 337 3.21 28.80 6.69
C ILE B 337 2.80 30.27 6.77
N ALA B 338 1.57 30.60 6.35
CA ALA B 338 1.11 32.00 6.43
C ALA B 338 1.11 32.54 7.86
N GLU B 339 0.65 31.71 8.79
CA GLU B 339 0.69 32.09 10.21
C GLU B 339 2.14 32.30 10.67
N THR B 340 3.06 31.45 10.22
CA THR B 340 4.46 31.61 10.62
C THR B 340 5.04 32.87 10.01
N LEU B 341 4.67 33.17 8.76
CA LEU B 341 5.10 34.43 8.14
C LEU B 341 4.61 35.64 8.97
N HIS B 342 3.36 35.57 9.42
CA HIS B 342 2.81 36.64 10.24
C HIS B 342 3.62 36.78 11.55
N GLU B 343 3.87 35.66 12.22
CA GLU B 343 4.61 35.64 13.52
C GLU B 343 5.96 36.29 13.38
N ARG B 344 6.59 36.07 12.23
CA ARG B 344 7.97 36.51 12.01
C ARG B 344 8.06 37.86 11.29
N GLY B 345 6.94 38.52 11.05
CA GLY B 345 6.92 39.83 10.38
C GLY B 345 7.34 39.80 8.91
N LEU B 346 7.05 38.68 8.25
CA LEU B 346 7.55 38.43 6.90
C LEU B 346 6.48 38.64 5.84
N VAL B 347 5.31 39.16 6.23
CA VAL B 347 4.27 39.45 5.23
C VAL B 347 4.46 40.88 4.74
N ARG B 348 5.22 41.01 3.66
CA ARG B 348 5.46 42.32 3.05
C ARG B 348 6.02 42.12 1.65
N PRO B 349 5.92 43.16 0.80
CA PRO B 349 6.39 43.05 -0.58
C PRO B 349 7.88 42.74 -0.69
N THR B 350 8.23 42.05 -1.77
CA THR B 350 9.60 41.81 -2.12
C THR B 350 9.98 42.81 -3.22
N ALA B 351 11.00 43.63 -2.95
CA ALA B 351 11.45 44.64 -3.92
C ALA B 351 11.98 44.05 -5.22
N GLU B 352 12.87 43.06 -5.13
CA GLU B 352 13.51 42.51 -6.33
C GLU B 352 12.77 41.28 -6.86
N LEU B 353 12.31 41.35 -8.11
CA LEU B 353 11.64 40.21 -8.75
C LEU B 353 12.65 39.16 -9.22
N LYS B 354 12.49 37.93 -8.72
CA LYS B 354 13.43 36.87 -9.05
C LYS B 354 12.79 35.79 -9.93
N PHE B 355 11.55 36.03 -10.37
CA PHE B 355 10.80 35.01 -11.12
C PHE B 355 10.31 35.54 -12.45
N GLU B 356 10.55 34.77 -13.50
CA GLU B 356 10.15 35.13 -14.86
C GLU B 356 8.66 35.40 -15.00
N LEU B 357 8.31 36.49 -15.69
CA LEU B 357 6.93 36.78 -16.08
C LEU B 357 6.60 36.07 -17.38
N LYS B 358 5.52 35.29 -17.38
CA LYS B 358 5.24 34.40 -18.50
C LYS B 358 4.19 34.95 -19.48
N LEU B 359 3.64 36.12 -19.20
CA LEU B 359 2.52 36.66 -19.99
C LEU B 359 2.82 38.02 -20.64
N GLU B 360 4.09 38.25 -20.92
CA GLU B 360 4.51 39.49 -21.56
C GLU B 360 4.43 39.27 -23.08
#